data_3C9K
#
_entry.id   3C9K
#
_cell.length_a   1.000
_cell.length_b   1.000
_cell.length_c   1.000
_cell.angle_alpha   90.00
_cell.angle_beta   90.00
_cell.angle_gamma   90.00
#
_symmetry.space_group_name_H-M   'P 1'
#
loop_
_entity.id
_entity.type
_entity.pdbx_description
1 polymer 'Histone H2A-IV'
2 polymer 'Histone H2B 7'
3 polymer 'Histone H3.2'
4 polymer 'Histone H4'
#
loop_
_entity_poly.entity_id
_entity_poly.type
_entity_poly.pdbx_seq_one_letter_code
_entity_poly.pdbx_strand_id
1 'polypeptide(L)'
;SGRGKQGGKARAKAKSRSSRAGLQFPVGRVHRLLRKGNYAERVGAGAPVYLAAVLEYLTAEILELAGNAARDNKKTRIIP
RHLQLAIRNDEELNKLLGKVTIAQGGVLPNIQAVLLPKKTDSHKAKAK
;
A,E
2 'polypeptide(L)'
;PEPAKSAPAPKKGSKKAVTKTQKKGDKKRKRARKESYSIYVYKVLKQVHPDTGISSKAMSIMNSFVNDIFERIAGEASRL
AHYNKRSTITSREIQTAVRLLLPGELAKHAVSEGTKAVTKYTSSK
;
B,F
3 'polypeptide(L)'
;ARTKQTARKSTGGKAPRKQLATKAARKSAPATGGVKKPHRYRPGTVALREIRRYQKSTELLIRKLPFQRLVREIAQDFKT
DLRFQSSAVMALQEASEAYLVGLFEDTNLCAIHAKRVTIMPKDIQLARRIRGERA
;
C,G
4 'polypeptide(L)'
;SGRGKGGKGLGKGGAKRHRKVLRDNIQGITKPAIRRLARRGGVKRISGLIYEETRGVLKVFLENVIRDAVTYTEHAKRKT
VTAMDVVYALKRQGRTLYGFGG
;
D,H
#
# COMPACT_ATOMS: atom_id res chain seq x y z
N LYS A 15 -36.73 -19.10 -10.42
CA LYS A 15 -36.54 -17.65 -10.73
C LYS A 15 -35.12 -17.19 -10.41
N SER A 16 -34.71 -16.10 -11.07
CA SER A 16 -33.38 -15.49 -10.95
C SER A 16 -32.95 -15.10 -9.53
N ARG A 17 -31.71 -15.43 -9.16
CA ARG A 17 -31.18 -15.09 -7.85
C ARG A 17 -31.00 -13.59 -7.71
N SER A 18 -30.78 -12.94 -8.85
CA SER A 18 -30.59 -11.49 -8.91
C SER A 18 -31.93 -10.80 -8.69
N SER A 19 -33.00 -11.40 -9.19
CA SER A 19 -34.34 -10.82 -9.01
C SER A 19 -34.90 -11.17 -7.64
N ARG A 20 -34.64 -12.37 -7.15
CA ARG A 20 -35.09 -12.77 -5.82
C ARG A 20 -34.54 -11.84 -4.76
N ALA A 21 -33.34 -11.33 -5.00
CA ALA A 21 -32.66 -10.40 -4.10
C ALA A 21 -32.94 -8.95 -4.47
N GLY A 22 -33.75 -8.76 -5.51
CA GLY A 22 -34.09 -7.42 -5.95
C GLY A 22 -32.84 -6.64 -6.34
N LEU A 23 -32.04 -7.20 -7.24
CA LEU A 23 -30.81 -6.58 -7.67
C LEU A 23 -30.62 -6.59 -9.18
N GLN A 24 -29.69 -5.75 -9.62
CA GLN A 24 -29.33 -5.65 -11.03
C GLN A 24 -28.06 -6.46 -11.26
N PHE A 25 -27.08 -6.26 -10.40
CA PHE A 25 -25.83 -7.00 -10.54
C PHE A 25 -26.04 -8.50 -10.43
N PRO A 26 -25.32 -9.27 -11.26
CA PRO A 26 -25.39 -10.73 -11.32
C PRO A 26 -24.92 -11.44 -10.09
N VAL A 27 -25.87 -11.91 -9.28
CA VAL A 27 -25.54 -12.64 -8.07
C VAL A 27 -24.73 -13.88 -8.45
N GLY A 28 -25.22 -14.59 -9.46
CA GLY A 28 -24.59 -15.80 -9.93
C GLY A 28 -23.14 -15.59 -10.30
N ARG A 29 -22.89 -14.60 -11.15
CA ARG A 29 -21.53 -14.30 -11.58
C ARG A 29 -20.63 -14.06 -10.37
N VAL A 30 -21.09 -13.19 -9.46
CA VAL A 30 -20.33 -12.88 -8.26
C VAL A 30 -20.07 -14.15 -7.49
N HIS A 31 -21.03 -15.07 -7.51
CA HIS A 31 -20.87 -16.33 -6.78
C HIS A 31 -19.74 -17.17 -7.40
N ARG A 32 -19.67 -17.17 -8.74
CA ARG A 32 -18.65 -17.92 -9.46
C ARG A 32 -17.30 -17.35 -9.12
N LEU A 33 -17.17 -16.04 -9.25
CA LEU A 33 -15.93 -15.34 -8.95
C LEU A 33 -15.43 -15.62 -7.54
N LEU A 34 -16.33 -15.67 -6.56
CA LEU A 34 -15.91 -15.94 -5.20
C LEU A 34 -15.26 -17.30 -5.08
N ARG A 35 -15.83 -18.33 -5.67
CA ARG A 35 -15.15 -19.64 -5.49
C ARG A 35 -13.95 -19.80 -6.46
N LYS A 36 -14.08 -19.41 -7.74
CA LYS A 36 -13.01 -19.58 -8.73
C LYS A 36 -11.71 -19.01 -8.20
N GLY A 37 -11.87 -17.75 -7.70
CA GLY A 37 -10.85 -16.85 -7.12
C GLY A 37 -9.93 -17.49 -6.06
N ASN A 38 -10.40 -18.57 -5.48
CA ASN A 38 -9.71 -19.35 -4.47
C ASN A 38 -9.47 -18.56 -3.24
N TYR A 39 -10.48 -17.73 -3.01
CA TYR A 39 -10.57 -16.89 -1.83
C TYR A 39 -10.92 -17.77 -0.64
N ALA A 40 -12.01 -18.51 -0.83
CA ALA A 40 -12.49 -19.42 0.21
C ALA A 40 -12.40 -20.89 -0.16
N GLU A 41 -12.68 -21.69 0.82
CA GLU A 41 -12.77 -23.16 0.72
C GLU A 41 -14.14 -23.45 0.17
N ARG A 42 -15.16 -22.86 0.83
CA ARG A 42 -16.55 -22.89 0.39
C ARG A 42 -17.19 -21.53 0.78
N VAL A 43 -17.81 -20.86 -0.17
CA VAL A 43 -18.49 -19.58 0.11
C VAL A 43 -19.97 -19.86 0.30
N GLY A 44 -20.53 -19.20 1.32
CA GLY A 44 -21.93 -19.35 1.67
C GLY A 44 -22.91 -18.85 0.63
N ALA A 45 -24.20 -18.97 0.94
CA ALA A 45 -25.25 -18.55 0.01
C ALA A 45 -25.49 -17.04 -0.08
N GLY A 46 -25.46 -16.38 1.07
CA GLY A 46 -25.69 -14.95 1.12
C GLY A 46 -24.49 -14.09 0.74
N ALA A 47 -23.32 -14.71 0.73
CA ALA A 47 -22.12 -13.99 0.41
C ALA A 47 -22.22 -13.24 -0.92
N PRO A 48 -22.38 -13.95 -2.05
CA PRO A 48 -22.46 -13.22 -3.31
C PRO A 48 -23.61 -12.22 -3.40
N VAL A 49 -24.72 -12.52 -2.73
CA VAL A 49 -25.85 -11.63 -2.79
C VAL A 49 -25.56 -10.33 -2.04
N TYR A 50 -24.82 -10.43 -0.94
CA TYR A 50 -24.44 -9.25 -0.17
C TYR A 50 -23.43 -8.45 -1.02
N LEU A 51 -22.37 -9.11 -1.49
CA LEU A 51 -21.34 -8.47 -2.30
C LEU A 51 -21.90 -7.83 -3.56
N ALA A 52 -22.76 -8.58 -4.24
CA ALA A 52 -23.38 -8.08 -5.47
C ALA A 52 -24.14 -6.81 -5.13
N ALA A 53 -24.78 -6.84 -3.96
CA ALA A 53 -25.58 -5.72 -3.48
C ALA A 53 -24.75 -4.46 -3.26
N VAL A 54 -23.58 -4.63 -2.62
CA VAL A 54 -22.67 -3.52 -2.33
C VAL A 54 -22.10 -2.96 -3.62
N LEU A 55 -21.78 -3.85 -4.55
CA LEU A 55 -21.23 -3.44 -5.83
C LEU A 55 -22.23 -2.57 -6.58
N GLU A 56 -23.48 -3.02 -6.62
CA GLU A 56 -24.53 -2.29 -7.30
C GLU A 56 -24.73 -0.94 -6.63
N TYR A 57 -24.71 -0.93 -5.30
CA TYR A 57 -24.87 0.31 -4.57
C TYR A 57 -23.80 1.34 -4.98
N LEU A 58 -22.53 1.00 -4.73
CA LEU A 58 -21.42 1.89 -5.08
C LEU A 58 -21.49 2.32 -6.55
N THR A 59 -21.88 1.40 -7.43
CA THR A 59 -22.00 1.72 -8.85
C THR A 59 -23.00 2.84 -9.03
N ALA A 60 -24.17 2.68 -8.41
CA ALA A 60 -25.24 3.66 -8.49
C ALA A 60 -24.78 5.00 -7.95
N GLU A 61 -24.08 4.96 -6.80
CA GLU A 61 -23.56 6.16 -6.16
C GLU A 61 -22.70 6.98 -7.07
N ILE A 62 -21.55 6.43 -7.48
CA ILE A 62 -20.64 7.19 -8.35
C ILE A 62 -21.29 7.51 -9.69
N LEU A 63 -22.16 6.63 -10.17
CA LEU A 63 -22.83 6.82 -11.44
C LEU A 63 -23.80 8.00 -11.36
N GLU A 64 -24.37 8.21 -10.17
CA GLU A 64 -25.30 9.30 -9.92
C GLU A 64 -24.53 10.63 -9.98
N LEU A 65 -23.56 10.77 -9.07
CA LEU A 65 -22.73 11.98 -9.02
C LEU A 65 -22.12 12.27 -10.39
N ALA A 66 -21.73 11.22 -11.11
CA ALA A 66 -21.15 11.36 -12.43
C ALA A 66 -22.17 11.94 -13.38
N GLY A 67 -23.37 11.36 -13.35
CA GLY A 67 -24.44 11.83 -14.21
C GLY A 67 -24.75 13.30 -13.95
N ASN A 68 -24.66 13.72 -12.69
CA ASN A 68 -24.91 15.11 -12.33
C ASN A 68 -23.90 16.00 -13.03
N ALA A 69 -22.62 15.70 -12.83
CA ALA A 69 -21.55 16.48 -13.44
C ALA A 69 -21.70 16.55 -14.97
N ALA A 70 -22.26 15.50 -15.57
CA ALA A 70 -22.44 15.48 -17.01
C ALA A 70 -23.44 16.55 -17.41
N ARG A 71 -24.51 16.66 -16.63
CA ARG A 71 -25.56 17.64 -16.89
C ARG A 71 -25.01 19.04 -16.64
N ASP A 72 -24.42 19.23 -15.46
CA ASP A 72 -23.86 20.52 -15.06
C ASP A 72 -23.01 21.19 -16.12
N ASN A 73 -22.22 20.43 -16.87
CA ASN A 73 -21.43 21.01 -17.96
C ASN A 73 -22.44 21.40 -19.01
N LYS A 74 -22.77 20.40 -19.86
CA LYS A 74 -23.76 20.61 -20.91
C LYS A 74 -24.19 19.30 -21.59
N LYS A 75 -23.51 18.19 -21.30
CA LYS A 75 -23.77 16.94 -22.01
C LYS A 75 -24.80 15.96 -21.46
N THR A 76 -25.06 14.92 -22.31
CA THR A 76 -25.98 13.79 -22.02
C THR A 76 -25.20 12.51 -21.81
N ARG A 77 -24.03 12.38 -22.43
CA ARG A 77 -23.19 11.19 -22.27
C ARG A 77 -22.17 11.45 -21.18
N ILE A 78 -21.97 10.47 -20.29
CA ILE A 78 -21.00 10.59 -19.20
C ILE A 78 -19.64 10.11 -19.70
N ILE A 79 -18.66 11.02 -19.70
CA ILE A 79 -17.33 10.63 -20.11
C ILE A 79 -16.46 10.60 -18.87
N PRO A 80 -15.30 9.92 -18.93
CA PRO A 80 -14.38 9.80 -17.80
C PRO A 80 -14.22 11.05 -16.93
N ARG A 81 -14.12 12.21 -17.57
CA ARG A 81 -13.98 13.50 -16.88
C ARG A 81 -15.05 13.62 -15.80
N HIS A 82 -16.25 13.15 -16.11
CA HIS A 82 -17.34 13.22 -15.17
C HIS A 82 -17.09 12.29 -14.01
N LEU A 83 -16.71 11.05 -14.31
CA LEU A 83 -16.41 10.10 -13.24
C LEU A 83 -15.36 10.74 -12.34
N GLN A 84 -14.31 11.26 -12.96
CA GLN A 84 -13.24 11.91 -12.23
C GLN A 84 -13.80 13.03 -11.34
N LEU A 85 -14.29 14.11 -11.97
CA LEU A 85 -14.86 15.26 -11.26
C LEU A 85 -15.79 14.82 -10.15
N ALA A 86 -16.53 13.75 -10.42
CA ALA A 86 -17.49 13.20 -9.48
C ALA A 86 -16.79 12.60 -8.29
N ILE A 87 -15.90 11.65 -8.55
CA ILE A 87 -15.15 10.96 -7.52
C ILE A 87 -14.34 11.91 -6.64
N ARG A 88 -13.65 12.84 -7.27
CA ARG A 88 -12.80 13.76 -6.54
C ARG A 88 -13.56 14.76 -5.70
N ASN A 89 -14.75 15.14 -6.14
CA ASN A 89 -15.52 16.11 -5.39
C ASN A 89 -16.24 15.56 -4.17
N ASP A 90 -16.64 14.29 -4.21
CA ASP A 90 -17.26 13.68 -3.04
C ASP A 90 -16.06 13.35 -2.17
N GLU A 91 -16.05 13.88 -0.96
CA GLU A 91 -14.95 13.66 -0.03
C GLU A 91 -14.80 12.19 0.35
N GLU A 92 -15.94 11.51 0.49
CA GLU A 92 -15.94 10.11 0.89
C GLU A 92 -15.48 9.13 -0.20
N LEU A 93 -15.89 9.40 -1.43
CA LEU A 93 -15.55 8.59 -2.59
C LEU A 93 -14.09 8.79 -2.96
N ASN A 94 -13.60 10.01 -2.71
CA ASN A 94 -12.21 10.37 -2.97
C ASN A 94 -11.24 9.55 -2.12
N LYS A 95 -11.66 9.13 -0.92
CA LYS A 95 -10.80 8.32 -0.06
C LYS A 95 -10.70 6.92 -0.61
N LEU A 96 -11.86 6.36 -0.94
CA LEU A 96 -11.97 5.01 -1.46
C LEU A 96 -11.09 4.81 -2.70
N LEU A 97 -11.24 5.71 -3.65
CA LEU A 97 -10.47 5.66 -4.89
C LEU A 97 -9.36 6.68 -4.81
N GLY A 98 -8.65 6.68 -3.68
CA GLY A 98 -7.56 7.62 -3.45
C GLY A 98 -6.35 7.38 -4.31
N LYS A 99 -5.92 6.13 -4.38
CA LYS A 99 -4.76 5.75 -5.18
C LYS A 99 -5.21 5.13 -6.50
N VAL A 100 -6.27 5.69 -7.08
CA VAL A 100 -6.80 5.20 -8.34
C VAL A 100 -6.63 6.28 -9.39
N THR A 101 -6.26 5.88 -10.59
CA THR A 101 -6.07 6.82 -11.69
C THR A 101 -7.12 6.59 -12.76
N ILE A 102 -7.95 7.60 -12.98
CA ILE A 102 -8.99 7.52 -13.98
C ILE A 102 -8.40 7.90 -15.32
N ALA A 103 -8.32 6.93 -16.22
CA ALA A 103 -7.78 7.16 -17.56
C ALA A 103 -8.64 8.20 -18.25
N GLN A 104 -8.00 9.28 -18.68
CA GLN A 104 -8.66 10.39 -19.35
C GLN A 104 -9.56 11.13 -18.38
N GLY A 105 -9.32 10.94 -17.09
CA GLY A 105 -10.12 11.62 -16.11
C GLY A 105 -9.65 13.06 -15.91
N GLY A 106 -8.37 13.30 -16.16
CA GLY A 106 -7.82 14.63 -15.98
C GLY A 106 -7.71 14.97 -14.51
N VAL A 107 -7.47 16.24 -14.20
CA VAL A 107 -7.32 16.62 -12.81
C VAL A 107 -8.39 17.65 -12.37
N LEU A 108 -8.68 17.69 -11.08
CA LEU A 108 -9.67 18.61 -10.56
C LEU A 108 -9.12 20.03 -10.60
N PRO A 109 -9.82 20.95 -11.30
CA PRO A 109 -9.43 22.36 -11.44
C PRO A 109 -9.14 22.92 -10.08
N ASN A 110 -7.94 23.45 -9.91
CA ASN A 110 -7.55 24.00 -8.63
C ASN A 110 -6.23 24.76 -8.70
N ILE A 111 -6.23 25.98 -8.18
CA ILE A 111 -5.04 26.80 -8.18
C ILE A 111 -4.81 27.25 -6.74
N GLN A 112 -3.64 26.93 -6.20
CA GLN A 112 -3.29 27.30 -4.84
C GLN A 112 -3.46 28.81 -4.68
N ALA A 113 -4.28 29.19 -3.71
CA ALA A 113 -4.60 30.59 -3.42
C ALA A 113 -3.45 31.57 -3.66
N VAL A 114 -2.36 31.36 -2.94
CA VAL A 114 -1.14 32.17 -3.00
C VAL A 114 -0.65 32.60 -4.40
N LEU A 115 -1.30 32.11 -5.45
CA LEU A 115 -0.91 32.48 -6.82
C LEU A 115 -1.87 33.48 -7.52
N SER B 36 -18.05 -6.40 -19.55
CA SER B 36 -18.11 -7.48 -18.52
C SER B 36 -19.24 -7.18 -17.54
N TYR B 37 -19.38 -5.92 -17.16
CA TYR B 37 -20.43 -5.49 -16.24
C TYR B 37 -21.33 -4.50 -16.96
N SER B 38 -20.83 -4.02 -18.10
CA SER B 38 -21.50 -3.06 -18.96
C SER B 38 -23.02 -3.21 -18.99
N ILE B 39 -23.51 -4.44 -19.08
CA ILE B 39 -24.95 -4.70 -19.08
C ILE B 39 -25.57 -4.04 -17.83
N TYR B 40 -25.16 -4.57 -16.69
CA TYR B 40 -25.59 -4.15 -15.37
C TYR B 40 -25.37 -2.67 -15.09
N VAL B 41 -24.14 -2.20 -15.25
CA VAL B 41 -23.86 -0.79 -15.00
C VAL B 41 -24.75 0.10 -15.86
N TYR B 42 -25.12 -0.36 -17.06
CA TYR B 42 -26.00 0.43 -17.90
C TYR B 42 -27.39 0.37 -17.28
N LYS B 43 -27.79 -0.84 -16.88
CA LYS B 43 -29.09 -1.07 -16.25
C LYS B 43 -29.23 -0.18 -15.01
N VAL B 44 -28.15 -0.06 -14.24
CA VAL B 44 -28.16 0.75 -13.04
C VAL B 44 -28.23 2.22 -13.41
N LEU B 45 -27.55 2.59 -14.50
CA LEU B 45 -27.52 3.95 -14.96
C LEU B 45 -28.92 4.47 -15.29
N LYS B 46 -29.65 3.73 -16.12
CA LYS B 46 -31.00 4.14 -16.50
C LYS B 46 -31.85 4.30 -15.24
N GLN B 47 -31.61 3.42 -14.26
CA GLN B 47 -32.33 3.44 -13.01
C GLN B 47 -32.09 4.74 -12.24
N VAL B 48 -30.89 5.30 -12.40
CA VAL B 48 -30.53 6.52 -11.70
C VAL B 48 -30.71 7.80 -12.53
N HIS B 49 -30.34 7.74 -13.80
CA HIS B 49 -30.45 8.85 -14.72
C HIS B 49 -30.97 8.18 -16.00
N PRO B 50 -32.30 8.10 -16.17
CA PRO B 50 -32.97 7.48 -17.32
C PRO B 50 -32.95 8.33 -18.58
N ASP B 51 -31.88 9.10 -18.77
CA ASP B 51 -31.81 9.97 -19.95
C ASP B 51 -30.38 10.38 -20.23
N THR B 52 -29.48 9.96 -19.35
CA THR B 52 -28.07 10.27 -19.46
C THR B 52 -27.30 9.02 -19.87
N GLY B 53 -26.64 9.10 -21.03
CA GLY B 53 -25.86 7.98 -21.53
C GLY B 53 -24.45 7.95 -20.98
N ILE B 54 -23.67 6.95 -21.38
CA ILE B 54 -22.29 6.81 -20.90
C ILE B 54 -21.39 6.33 -22.03
N SER B 55 -20.20 6.91 -22.14
CA SER B 55 -19.26 6.52 -23.20
C SER B 55 -18.64 5.15 -22.97
N SER B 56 -18.14 4.56 -24.06
CA SER B 56 -17.53 3.24 -24.01
C SER B 56 -16.29 3.30 -23.13
N LYS B 57 -15.54 4.39 -23.28
CA LYS B 57 -14.32 4.63 -22.52
C LYS B 57 -14.66 4.82 -21.04
N ALA B 58 -15.78 5.46 -20.77
CA ALA B 58 -16.21 5.70 -19.41
C ALA B 58 -16.72 4.39 -18.86
N MET B 59 -17.27 3.56 -19.73
CA MET B 59 -17.78 2.27 -19.33
C MET B 59 -16.59 1.41 -18.94
N SER B 60 -15.47 1.63 -19.63
CA SER B 60 -14.26 0.89 -19.34
C SER B 60 -13.89 1.14 -17.90
N ILE B 61 -13.89 2.41 -17.52
CA ILE B 61 -13.58 2.81 -16.15
C ILE B 61 -14.51 2.14 -15.14
N MET B 62 -15.81 2.23 -15.38
CA MET B 62 -16.80 1.63 -14.49
C MET B 62 -16.51 0.16 -14.27
N ASN B 63 -16.14 -0.53 -15.34
CA ASN B 63 -15.81 -1.93 -15.22
C ASN B 63 -14.58 -2.13 -14.35
N SER B 64 -13.61 -1.24 -14.48
CA SER B 64 -12.41 -1.33 -13.67
C SER B 64 -12.76 -1.16 -12.20
N PHE B 65 -13.66 -0.22 -11.94
CA PHE B 65 -14.12 0.08 -10.60
C PHE B 65 -14.80 -1.14 -9.98
N VAL B 66 -15.70 -1.75 -10.74
CA VAL B 66 -16.42 -2.89 -10.22
C VAL B 66 -15.50 -4.02 -9.87
N ASN B 67 -14.56 -4.33 -10.76
CA ASN B 67 -13.64 -5.43 -10.49
C ASN B 67 -12.73 -5.10 -9.34
N ASP B 68 -12.31 -3.84 -9.27
CA ASP B 68 -11.43 -3.41 -8.22
C ASP B 68 -11.97 -3.66 -6.84
N ILE B 69 -13.04 -2.95 -6.48
CA ILE B 69 -13.61 -3.07 -5.15
C ILE B 69 -14.14 -4.47 -4.86
N PHE B 70 -14.33 -5.26 -5.90
CA PHE B 70 -14.76 -6.65 -5.73
C PHE B 70 -13.55 -7.38 -5.15
N GLU B 71 -12.42 -7.21 -5.85
CA GLU B 71 -11.14 -7.80 -5.49
C GLU B 71 -10.74 -7.38 -4.09
N ARG B 72 -10.97 -6.11 -3.77
CA ARG B 72 -10.64 -5.57 -2.46
C ARG B 72 -11.46 -6.19 -1.36
N ILE B 73 -12.78 -6.20 -1.55
CA ILE B 73 -13.70 -6.73 -0.56
C ILE B 73 -13.56 -8.22 -0.32
N ALA B 74 -13.38 -8.97 -1.40
CA ALA B 74 -13.23 -10.42 -1.31
C ALA B 74 -11.89 -10.75 -0.68
N GLY B 75 -10.91 -9.87 -0.87
CA GLY B 75 -9.59 -10.06 -0.32
C GLY B 75 -9.67 -9.97 1.19
N GLU B 76 -10.29 -8.92 1.70
CA GLU B 76 -10.41 -8.74 3.13
C GLU B 76 -11.31 -9.82 3.71
N ALA B 77 -12.41 -10.11 3.04
CA ALA B 77 -13.33 -11.13 3.50
C ALA B 77 -12.55 -12.41 3.73
N SER B 78 -11.73 -12.77 2.74
CA SER B 78 -10.91 -13.98 2.77
C SER B 78 -9.91 -13.92 3.91
N ARG B 79 -9.36 -12.73 4.14
CA ARG B 79 -8.39 -12.50 5.19
C ARG B 79 -9.06 -12.73 6.55
N LEU B 80 -10.26 -12.17 6.70
CA LEU B 80 -11.04 -12.30 7.93
C LEU B 80 -11.36 -13.74 8.27
N ALA B 81 -11.63 -14.54 7.25
CA ALA B 81 -11.98 -15.93 7.45
C ALA B 81 -10.79 -16.74 7.93
N HIS B 82 -9.61 -16.51 7.36
CA HIS B 82 -8.44 -17.26 7.79
C HIS B 82 -8.07 -16.91 9.24
N TYR B 83 -8.16 -15.63 9.58
CA TYR B 83 -7.85 -15.16 10.92
C TYR B 83 -8.70 -15.86 11.95
N ASN B 84 -9.98 -16.03 11.61
CA ASN B 84 -10.94 -16.66 12.50
C ASN B 84 -11.10 -18.14 12.21
N LYS B 85 -10.05 -18.70 11.63
CA LYS B 85 -9.99 -20.10 11.27
C LYS B 85 -11.30 -20.74 10.80
N ARG B 86 -11.95 -20.06 9.85
CA ARG B 86 -13.19 -20.51 9.25
C ARG B 86 -12.88 -20.85 7.80
N SER B 87 -13.38 -21.99 7.34
CA SER B 87 -13.13 -22.44 5.99
C SER B 87 -14.09 -21.88 4.96
N THR B 88 -15.11 -21.16 5.44
CA THR B 88 -16.11 -20.61 4.56
C THR B 88 -16.29 -19.08 4.68
N ILE B 89 -16.47 -18.41 3.55
CA ILE B 89 -16.70 -16.96 3.55
C ILE B 89 -18.18 -16.68 3.68
N THR B 90 -18.61 -16.32 4.88
CA THR B 90 -20.01 -16.00 5.15
C THR B 90 -20.29 -14.57 4.72
N SER B 91 -21.56 -14.19 4.72
CA SER B 91 -21.95 -12.84 4.36
C SER B 91 -21.49 -11.97 5.51
N ARG B 92 -21.30 -12.58 6.68
CA ARG B 92 -20.86 -11.85 7.83
C ARG B 92 -19.43 -11.34 7.64
N GLU B 93 -18.71 -11.95 6.71
CA GLU B 93 -17.35 -11.56 6.38
C GLU B 93 -17.38 -10.45 5.36
N ILE B 94 -18.33 -10.52 4.43
CA ILE B 94 -18.46 -9.50 3.40
C ILE B 94 -18.81 -8.17 4.07
N GLN B 95 -19.59 -8.27 5.12
CA GLN B 95 -20.03 -7.11 5.87
C GLN B 95 -18.90 -6.46 6.61
N THR B 96 -18.16 -7.25 7.40
CA THR B 96 -17.03 -6.73 8.16
C THR B 96 -15.99 -6.19 7.18
N ALA B 97 -15.82 -6.89 6.06
CA ALA B 97 -14.89 -6.44 5.06
C ALA B 97 -15.31 -5.06 4.56
N VAL B 98 -16.62 -4.89 4.35
CA VAL B 98 -17.18 -3.62 3.88
C VAL B 98 -16.98 -2.51 4.89
N ARG B 99 -17.07 -2.85 6.17
CA ARG B 99 -16.90 -1.85 7.21
C ARG B 99 -15.47 -1.38 7.20
N LEU B 100 -14.56 -2.34 7.03
CA LEU B 100 -13.14 -2.05 7.03
C LEU B 100 -12.64 -1.27 5.84
N LEU B 101 -13.09 -1.63 4.66
CA LEU B 101 -12.60 -0.94 3.48
C LEU B 101 -13.29 0.33 3.11
N LEU B 102 -14.59 0.43 3.37
CA LEU B 102 -15.30 1.64 2.94
C LEU B 102 -15.32 2.76 3.96
N PRO B 103 -15.23 4.00 3.41
CA PRO B 103 -15.35 5.19 4.25
C PRO B 103 -16.63 5.23 5.08
N GLY B 104 -16.52 6.12 6.07
CA GLY B 104 -17.47 6.45 7.13
C GLY B 104 -18.95 6.11 7.00
N GLU B 105 -19.62 6.89 6.23
CA GLU B 105 -21.04 6.83 6.08
C GLU B 105 -21.46 6.08 4.79
N LEU B 106 -20.49 6.00 3.91
CA LEU B 106 -20.54 5.32 2.63
C LEU B 106 -20.58 3.82 2.88
N ALA B 107 -20.06 3.44 4.03
CA ALA B 107 -20.01 2.08 4.50
C ALA B 107 -21.32 1.68 5.14
N LYS B 108 -21.94 2.61 5.87
CA LYS B 108 -23.21 2.37 6.54
C LYS B 108 -24.31 1.96 5.57
N HIS B 109 -24.39 2.66 4.43
CA HIS B 109 -25.38 2.36 3.41
C HIS B 109 -25.10 1.00 2.81
N ALA B 110 -23.85 0.78 2.40
CA ALA B 110 -23.44 -0.48 1.81
C ALA B 110 -23.84 -1.67 2.69
N VAL B 111 -23.80 -1.49 4.01
CA VAL B 111 -24.19 -2.55 4.93
C VAL B 111 -25.70 -2.71 4.89
N SER B 112 -26.40 -1.59 4.95
CA SER B 112 -27.85 -1.57 4.92
C SER B 112 -28.33 -2.27 3.66
N GLU B 113 -27.85 -1.78 2.51
CA GLU B 113 -28.19 -2.32 1.19
C GLU B 113 -27.94 -3.83 1.10
N GLY B 114 -26.80 -4.26 1.63
CA GLY B 114 -26.45 -5.66 1.61
C GLY B 114 -27.35 -6.47 2.51
N THR B 115 -27.64 -5.96 3.70
CA THR B 115 -28.52 -6.68 4.62
C THR B 115 -29.93 -6.74 4.03
N LYS B 116 -30.38 -5.61 3.49
CA LYS B 116 -31.70 -5.54 2.87
C LYS B 116 -31.74 -6.58 1.78
N ALA B 117 -30.72 -6.57 0.92
CA ALA B 117 -30.62 -7.49 -0.19
C ALA B 117 -30.54 -8.96 0.23
N VAL B 118 -29.63 -9.27 1.15
CA VAL B 118 -29.47 -10.65 1.63
C VAL B 118 -30.78 -11.17 2.19
N THR B 119 -31.40 -10.37 3.06
CA THR B 119 -32.66 -10.76 3.72
C THR B 119 -33.80 -11.03 2.74
N LYS B 120 -33.92 -10.19 1.70
CA LYS B 120 -34.98 -10.42 0.72
C LYS B 120 -34.76 -11.80 0.11
N TYR B 121 -33.57 -12.02 -0.45
CA TYR B 121 -33.19 -13.28 -1.08
C TYR B 121 -33.47 -14.51 -0.20
N THR B 122 -33.07 -14.45 1.06
CA THR B 122 -33.24 -15.57 2.00
C THR B 122 -34.72 -15.87 2.25
N SER B 123 -35.50 -14.83 2.50
CA SER B 123 -36.93 -14.99 2.75
C SER B 123 -37.63 -15.26 1.44
N SER B 124 -37.24 -14.51 0.40
CA SER B 124 -37.79 -14.66 -0.97
C SER B 124 -37.22 -15.95 -1.53
N LYS B 125 -37.69 -17.07 -1.02
CA LYS B 125 -37.23 -18.37 -1.50
C LYS B 125 -37.77 -18.64 -2.90
N PRO C 43 19.66 26.17 23.63
CA PRO C 43 20.96 26.37 22.95
C PRO C 43 21.35 25.12 22.18
N GLY C 44 21.91 25.35 20.99
CA GLY C 44 22.33 24.28 20.11
C GLY C 44 23.00 23.06 20.71
N THR C 45 24.00 23.28 21.56
CA THR C 45 24.72 22.17 22.18
C THR C 45 23.87 21.14 22.92
N VAL C 46 22.93 21.60 23.74
CA VAL C 46 22.07 20.66 24.49
C VAL C 46 21.12 19.93 23.56
N ALA C 47 20.62 20.64 22.55
CA ALA C 47 19.69 20.07 21.59
C ALA C 47 20.30 18.84 20.93
N LEU C 48 21.43 19.04 20.26
CA LEU C 48 22.13 17.95 19.59
C LEU C 48 22.47 16.85 20.59
N ARG C 49 22.91 17.25 21.77
CA ARG C 49 23.25 16.27 22.80
C ARG C 49 22.04 15.39 23.11
N GLU C 50 20.84 15.97 23.03
CA GLU C 50 19.59 15.25 23.28
C GLU C 50 19.25 14.34 22.11
N ILE C 51 19.50 14.85 20.90
CA ILE C 51 19.24 14.09 19.69
C ILE C 51 20.09 12.82 19.78
N ARG C 52 21.39 13.01 19.99
CA ARG C 52 22.35 11.91 20.12
C ARG C 52 21.93 10.87 21.12
N ARG C 53 21.49 11.30 22.30
CA ARG C 53 21.07 10.37 23.33
C ARG C 53 19.78 9.63 23.01
N TYR C 54 18.77 10.36 22.54
CA TYR C 54 17.50 9.74 22.24
C TYR C 54 17.44 9.00 20.92
N GLN C 55 18.49 9.18 20.11
CA GLN C 55 18.57 8.47 18.84
C GLN C 55 19.22 7.10 19.15
N LYS C 56 20.06 7.09 20.18
CA LYS C 56 20.75 5.89 20.63
C LYS C 56 19.80 5.01 21.43
N SER C 57 18.78 5.65 21.98
CA SER C 57 17.77 4.98 22.81
C SER C 57 16.81 4.12 22.00
N THR C 58 16.19 3.17 22.70
CA THR C 58 15.25 2.24 22.11
C THR C 58 13.98 2.13 22.96
N GLU C 59 13.97 2.82 24.10
CA GLU C 59 12.82 2.77 25.01
C GLU C 59 11.66 3.66 24.63
N LEU C 60 10.46 3.27 25.05
CA LEU C 60 9.24 4.02 24.80
C LEU C 60 9.33 5.34 25.58
N LEU C 61 9.06 6.43 24.88
CA LEU C 61 9.20 7.73 25.51
C LEU C 61 8.00 8.30 26.23
N ILE C 62 6.85 7.66 26.12
CA ILE C 62 5.66 8.15 26.79
C ILE C 62 5.38 7.26 28.00
N ARG C 63 4.99 7.87 29.11
CA ARG C 63 4.68 7.09 30.31
C ARG C 63 3.56 6.10 29.99
N LYS C 64 3.78 4.81 30.29
CA LYS C 64 2.80 3.75 30.02
C LYS C 64 1.36 4.11 30.36
N LEU C 65 1.11 4.37 31.65
CA LEU C 65 -0.23 4.72 32.14
C LEU C 65 -1.03 5.74 31.37
N PRO C 66 -0.51 6.96 31.19
CA PRO C 66 -1.26 7.98 30.44
C PRO C 66 -1.72 7.48 29.07
N PHE C 67 -0.85 6.72 28.42
CA PHE C 67 -1.13 6.16 27.11
C PHE C 67 -2.28 5.19 27.20
N GLN C 68 -2.18 4.24 28.14
CA GLN C 68 -3.22 3.24 28.32
C GLN C 68 -4.58 3.88 28.53
N ARG C 69 -4.61 4.98 29.28
CA ARG C 69 -5.86 5.68 29.52
C ARG C 69 -6.40 6.21 28.21
N LEU C 70 -5.53 6.82 27.39
CA LEU C 70 -5.91 7.37 26.09
C LEU C 70 -6.56 6.30 25.22
N VAL C 71 -6.00 5.08 25.26
CA VAL C 71 -6.53 3.97 24.50
C VAL C 71 -7.91 3.57 25.01
N ARG C 72 -8.05 3.45 26.32
CA ARG C 72 -9.34 3.09 26.91
C ARG C 72 -10.36 4.19 26.57
N GLU C 73 -10.00 5.43 26.90
CA GLU C 73 -10.84 6.61 26.65
C GLU C 73 -11.21 6.82 25.18
N ILE C 74 -10.64 6.03 24.29
CA ILE C 74 -10.94 6.14 22.85
C ILE C 74 -11.80 4.93 22.49
N ALA C 75 -11.34 3.75 22.91
CA ALA C 75 -12.04 2.49 22.67
C ALA C 75 -13.51 2.61 23.04
N GLN C 76 -13.79 3.25 24.18
CA GLN C 76 -15.15 3.41 24.68
C GLN C 76 -16.16 3.93 23.65
N ASP C 77 -15.69 4.69 22.66
CA ASP C 77 -16.60 5.19 21.63
C ASP C 77 -17.12 4.03 20.80
N PHE C 78 -16.18 3.35 20.14
CA PHE C 78 -16.51 2.22 19.24
C PHE C 78 -17.26 1.08 19.93
N LYS C 79 -16.91 0.75 21.17
CA LYS C 79 -17.63 -0.31 21.91
C LYS C 79 -17.39 -0.13 23.41
N THR C 80 -18.48 0.12 24.14
CA THR C 80 -18.41 0.36 25.58
C THR C 80 -17.86 -0.76 26.48
N ASP C 81 -18.08 -2.01 26.09
CA ASP C 81 -17.63 -3.15 26.90
C ASP C 81 -16.28 -3.71 26.45
N LEU C 82 -15.38 -2.85 25.99
CA LEU C 82 -14.08 -3.31 25.51
C LEU C 82 -12.89 -3.26 26.46
N ARG C 83 -12.09 -4.32 26.37
CA ARG C 83 -10.90 -4.49 27.17
C ARG C 83 -9.71 -4.86 26.29
N PHE C 84 -8.58 -4.17 26.45
CA PHE C 84 -7.37 -4.45 25.68
C PHE C 84 -6.37 -5.20 26.51
N GLN C 85 -5.77 -6.25 25.95
CA GLN C 85 -4.74 -6.97 26.69
C GLN C 85 -3.59 -5.99 26.81
N SER C 86 -2.71 -6.20 27.80
CA SER C 86 -1.58 -5.29 27.98
C SER C 86 -0.65 -5.29 26.76
N SER C 87 -0.46 -6.45 26.12
CA SER C 87 0.42 -6.54 24.96
C SER C 87 -0.18 -5.81 23.77
N ALA C 88 -1.52 -5.83 23.66
CA ALA C 88 -2.24 -5.15 22.57
C ALA C 88 -2.06 -3.65 22.72
N VAL C 89 -2.06 -3.18 23.95
CA VAL C 89 -1.87 -1.76 24.22
C VAL C 89 -0.43 -1.46 23.84
N MET C 90 0.47 -2.34 24.28
CA MET C 90 1.90 -2.20 24.04
C MET C 90 2.20 -2.12 22.57
N ALA C 91 1.50 -2.93 21.79
CA ALA C 91 1.69 -2.95 20.35
C ALA C 91 1.28 -1.59 19.79
N LEU C 92 0.22 -1.01 20.33
CA LEU C 92 -0.25 0.29 19.88
C LEU C 92 0.76 1.39 20.15
N GLN C 93 1.43 1.33 21.30
CA GLN C 93 2.42 2.34 21.64
C GLN C 93 3.67 2.24 20.79
N GLU C 94 4.12 1.00 20.57
CA GLU C 94 5.30 0.76 19.76
C GLU C 94 5.06 1.36 18.39
N ALA C 95 3.85 1.14 17.87
CA ALA C 95 3.44 1.62 16.57
C ALA C 95 3.16 3.11 16.55
N SER C 96 2.61 3.62 17.65
CA SER C 96 2.30 5.05 17.76
C SER C 96 3.53 5.94 17.81
N GLU C 97 4.48 5.58 18.66
CA GLU C 97 5.71 6.36 18.79
C GLU C 97 6.57 6.19 17.54
N ALA C 98 6.53 5.00 16.95
CA ALA C 98 7.28 4.74 15.72
C ALA C 98 6.74 5.70 14.66
N TYR C 99 5.43 5.73 14.55
CA TYR C 99 4.74 6.60 13.59
C TYR C 99 5.15 8.06 13.78
N LEU C 100 5.19 8.47 15.03
CA LEU C 100 5.50 9.86 15.38
C LEU C 100 6.92 10.32 15.08
N VAL C 101 7.92 9.48 15.36
CA VAL C 101 9.29 9.90 15.06
C VAL C 101 9.44 9.97 13.56
N GLY C 102 8.83 9.00 12.88
CA GLY C 102 8.89 8.97 11.44
C GLY C 102 8.29 10.23 10.87
N LEU C 103 7.20 10.67 11.50
CA LEU C 103 6.53 11.88 11.08
C LEU C 103 7.48 13.02 11.35
N PHE C 104 8.05 13.05 12.57
CA PHE C 104 8.97 14.10 12.96
C PHE C 104 10.16 14.26 12.03
N GLU C 105 10.69 13.16 11.54
CA GLU C 105 11.81 13.20 10.61
C GLU C 105 11.38 14.02 9.40
N ASP C 106 10.27 13.61 8.80
CA ASP C 106 9.71 14.28 7.62
C ASP C 106 9.39 15.73 7.88
N THR C 107 8.82 16.01 9.06
CA THR C 107 8.49 17.36 9.45
C THR C 107 9.77 18.17 9.42
N ASN C 108 10.81 17.60 10.02
CA ASN C 108 12.13 18.22 10.09
C ASN C 108 12.64 18.60 8.71
N LEU C 109 12.46 17.70 7.75
CA LEU C 109 12.91 17.96 6.38
C LEU C 109 12.18 19.15 5.78
N CYS C 110 10.93 19.35 6.18
CA CYS C 110 10.13 20.46 5.68
C CYS C 110 10.63 21.76 6.29
N ALA C 111 10.85 21.75 7.60
CA ALA C 111 11.35 22.91 8.33
C ALA C 111 12.65 23.38 7.69
N ILE C 112 13.56 22.44 7.48
CA ILE C 112 14.83 22.75 6.87
C ILE C 112 14.64 23.27 5.45
N HIS C 113 13.64 22.73 4.75
CA HIS C 113 13.36 23.15 3.37
C HIS C 113 13.21 24.67 3.25
N ALA C 114 12.73 25.33 4.26
CA ALA C 114 12.61 26.78 4.10
C ALA C 114 13.98 27.35 4.29
N LYS C 115 14.25 27.68 5.59
CA LYS C 115 15.57 28.12 6.09
C LYS C 115 15.69 27.85 7.62
N ARG C 116 14.68 27.20 8.18
CA ARG C 116 14.56 27.00 9.63
C ARG C 116 15.09 25.71 10.24
N VAL C 117 15.18 25.77 11.55
CA VAL C 117 15.69 24.67 12.36
C VAL C 117 14.57 24.30 13.32
N THR C 118 13.72 25.28 13.56
CA THR C 118 12.57 25.12 14.43
C THR C 118 11.41 24.54 13.61
N ILE C 119 10.79 23.48 14.09
CA ILE C 119 9.68 22.88 13.37
C ILE C 119 8.32 23.49 13.79
N MET C 120 7.54 23.92 12.81
CA MET C 120 6.23 24.54 13.05
C MET C 120 5.11 23.61 12.58
N PRO C 121 3.86 23.90 12.99
CA PRO C 121 2.72 23.08 12.57
C PRO C 121 2.62 22.95 11.06
N LYS C 122 2.90 24.05 10.35
CA LYS C 122 2.84 24.04 8.90
C LYS C 122 3.75 22.99 8.26
N ASP C 123 4.76 22.53 9.00
CA ASP C 123 5.67 21.51 8.51
C ASP C 123 5.00 20.15 8.68
N ILE C 124 4.45 19.93 9.87
CA ILE C 124 3.75 18.67 10.13
C ILE C 124 2.66 18.53 9.08
N GLN C 125 2.00 19.63 8.76
CA GLN C 125 0.91 19.63 7.78
C GLN C 125 1.37 19.37 6.37
N LEU C 126 2.47 19.98 5.97
CA LEU C 126 2.97 19.77 4.62
C LEU C 126 3.45 18.33 4.46
N ALA C 127 4.02 17.77 5.53
CA ALA C 127 4.50 16.40 5.53
C ALA C 127 3.32 15.43 5.40
N ARG C 128 2.34 15.57 6.29
CA ARG C 128 1.15 14.73 6.27
C ARG C 128 0.42 14.85 4.95
N ARG C 129 0.48 16.02 4.33
CA ARG C 129 -0.18 16.25 3.06
C ARG C 129 0.48 15.35 2.01
N ILE C 130 1.77 15.52 1.81
CA ILE C 130 2.50 14.72 0.84
C ILE C 130 2.51 13.22 1.19
N ARG C 131 2.30 12.92 2.47
CA ARG C 131 2.24 11.53 2.93
C ARG C 131 0.90 10.91 2.58
N GLY C 132 -0.04 11.72 2.14
CA GLY C 132 -1.36 11.25 1.78
C GLY C 132 -2.30 11.10 2.97
N GLU C 133 -1.83 11.49 4.15
CA GLU C 133 -2.63 11.38 5.37
C GLU C 133 -3.73 12.44 5.43
N ARG C 134 -4.76 12.12 6.22
CA ARG C 134 -5.92 13.00 6.43
C ARG C 134 -6.55 12.67 7.77
N ALA C 135 -7.19 13.68 8.37
CA ALA C 135 -7.85 13.53 9.66
C ALA C 135 -9.21 12.80 9.57
N ASN D 25 -8.02 14.15 28.23
CA ASN D 25 -7.15 12.98 28.63
C ASN D 25 -5.83 12.85 27.84
N ILE D 26 -5.86 13.22 26.56
CA ILE D 26 -4.69 13.18 25.70
C ILE D 26 -3.66 14.18 26.24
N GLN D 27 -4.11 15.03 27.16
CA GLN D 27 -3.23 16.02 27.76
C GLN D 27 -2.20 15.32 28.63
N GLY D 28 -2.39 14.00 28.83
CA GLY D 28 -1.51 13.12 29.62
C GLY D 28 -0.22 12.77 28.87
N ILE D 29 -0.26 13.02 27.57
CA ILE D 29 0.91 12.89 26.71
C ILE D 29 1.80 14.06 27.17
N THR D 30 3.16 14.03 27.12
CA THR D 30 3.78 15.26 27.67
C THR D 30 4.89 15.91 26.89
N LYS D 31 4.90 17.25 27.06
CA LYS D 31 5.87 18.13 26.43
C LYS D 31 7.24 17.48 26.35
N PRO D 32 7.65 16.87 27.45
CA PRO D 32 8.91 16.13 27.44
C PRO D 32 8.96 15.04 26.43
N ALA D 33 7.98 14.19 26.64
CA ALA D 33 7.76 13.01 25.83
C ALA D 33 7.75 13.35 24.34
N ILE D 34 7.02 14.39 23.99
CA ILE D 34 6.94 14.82 22.60
C ILE D 34 8.29 15.38 22.16
N ARG D 35 8.97 16.08 23.06
CA ARG D 35 10.29 16.65 22.73
C ARG D 35 11.26 15.49 22.47
N ARG D 36 11.21 14.47 23.32
CA ARG D 36 12.04 13.28 23.15
C ARG D 36 11.73 12.65 21.81
N LEU D 37 10.43 12.42 21.56
CA LEU D 37 9.99 11.84 20.31
C LEU D 37 10.52 12.66 19.12
N ALA D 38 10.51 13.98 19.28
CA ALA D 38 11.02 14.86 18.24
C ALA D 38 12.55 14.68 18.13
N ARG D 39 13.20 14.60 19.28
CA ARG D 39 14.65 14.44 19.35
C ARG D 39 15.09 13.20 18.59
N ARG D 40 14.36 12.10 18.84
CA ARG D 40 14.66 10.85 18.17
C ARG D 40 14.45 11.03 16.68
N GLY D 41 13.59 11.99 16.34
CA GLY D 41 13.29 12.30 14.96
C GLY D 41 14.36 13.18 14.37
N GLY D 42 15.28 13.64 15.21
CA GLY D 42 16.35 14.49 14.72
C GLY D 42 15.98 15.96 14.65
N VAL D 43 14.97 16.33 15.42
CA VAL D 43 14.50 17.70 15.48
C VAL D 43 15.31 18.47 16.52
N LYS D 44 15.86 19.62 16.14
CA LYS D 44 16.66 20.43 17.06
C LYS D 44 15.78 21.42 17.85
N ARG D 45 15.11 22.34 17.15
CA ARG D 45 14.23 23.33 17.81
C ARG D 45 12.75 23.01 17.56
N ILE D 46 11.96 23.19 18.61
CA ILE D 46 10.54 22.88 18.56
C ILE D 46 9.62 24.03 18.96
N SER D 47 8.91 24.59 18.00
CA SER D 47 7.94 25.67 18.27
C SER D 47 6.92 25.18 19.30
N GLY D 48 6.55 26.07 20.22
CA GLY D 48 5.62 25.73 21.28
C GLY D 48 4.27 25.20 20.85
N LEU D 49 3.92 25.45 19.59
CA LEU D 49 2.63 25.00 19.07
C LEU D 49 2.55 23.55 18.65
N ILE D 50 3.67 22.97 18.23
CA ILE D 50 3.65 21.60 17.76
C ILE D 50 3.31 20.57 18.83
N TYR D 51 3.27 20.99 20.09
CA TYR D 51 2.93 20.04 21.15
C TYR D 51 1.45 19.67 21.09
N GLU D 52 0.61 20.67 20.82
CA GLU D 52 -0.83 20.46 20.74
C GLU D 52 -1.19 19.89 19.38
N GLU D 53 -0.43 20.30 18.37
CA GLU D 53 -0.59 19.86 17.00
C GLU D 53 -0.31 18.35 16.92
N THR D 54 0.75 17.92 17.58
CA THR D 54 1.16 16.52 17.62
C THR D 54 0.11 15.69 18.35
N ARG D 55 -0.50 16.25 19.39
CA ARG D 55 -1.55 15.54 20.12
C ARG D 55 -2.71 15.29 19.14
N GLY D 56 -2.93 16.24 18.25
CA GLY D 56 -3.98 16.11 17.27
C GLY D 56 -3.77 14.88 16.43
N VAL D 57 -2.59 14.78 15.83
CA VAL D 57 -2.26 13.64 14.98
C VAL D 57 -2.22 12.33 15.74
N LEU D 58 -1.59 12.29 16.92
CA LEU D 58 -1.53 11.05 17.69
C LEU D 58 -2.91 10.50 17.96
N LYS D 59 -3.88 11.38 18.21
CA LYS D 59 -5.25 10.97 18.50
C LYS D 59 -5.92 10.38 17.26
N VAL D 60 -5.81 11.09 16.14
CA VAL D 60 -6.36 10.65 14.87
C VAL D 60 -5.74 9.32 14.44
N PHE D 61 -4.44 9.18 14.66
CA PHE D 61 -3.74 7.96 14.32
C PHE D 61 -4.33 6.81 15.15
N LEU D 62 -4.45 7.02 16.47
CA LEU D 62 -4.99 5.99 17.37
C LEU D 62 -6.45 5.65 17.13
N GLU D 63 -7.27 6.65 16.79
CA GLU D 63 -8.69 6.43 16.52
C GLU D 63 -8.78 5.47 15.32
N ASN D 64 -8.18 5.87 14.21
CA ASN D 64 -8.17 5.07 12.99
C ASN D 64 -7.73 3.65 13.23
N VAL D 65 -6.66 3.48 13.99
CA VAL D 65 -6.13 2.15 14.27
C VAL D 65 -6.99 1.35 15.23
N ILE D 66 -7.47 1.99 16.29
CA ILE D 66 -8.29 1.30 17.27
C ILE D 66 -9.67 0.96 16.72
N ARG D 67 -10.16 1.78 15.80
CA ARG D 67 -11.46 1.54 15.20
C ARG D 67 -11.41 0.19 14.49
N ASP D 68 -10.50 0.07 13.52
CA ASP D 68 -10.33 -1.16 12.77
C ASP D 68 -9.91 -2.29 13.68
N ALA D 69 -9.21 -1.96 14.76
CA ALA D 69 -8.74 -2.97 15.70
C ALA D 69 -9.92 -3.63 16.40
N VAL D 70 -10.90 -2.84 16.82
CA VAL D 70 -12.08 -3.38 17.50
C VAL D 70 -13.05 -4.03 16.51
N THR D 71 -12.96 -3.63 15.25
CA THR D 71 -13.80 -4.22 14.22
C THR D 71 -13.37 -5.66 14.04
N TYR D 72 -12.07 -5.89 14.16
CA TYR D 72 -11.53 -7.24 14.04
C TYR D 72 -11.93 -8.05 15.26
N THR D 73 -12.01 -7.37 16.40
CA THR D 73 -12.39 -8.01 17.64
C THR D 73 -13.88 -8.37 17.58
N GLU D 74 -14.70 -7.41 17.22
CA GLU D 74 -16.13 -7.61 17.08
C GLU D 74 -16.37 -8.72 16.05
N HIS D 75 -15.32 -9.15 15.32
CA HIS D 75 -15.62 -10.23 14.42
C HIS D 75 -15.50 -11.61 15.16
N ALA D 76 -14.47 -11.92 15.93
CA ALA D 76 -14.47 -13.27 16.51
C ALA D 76 -15.37 -13.43 17.73
N LYS D 77 -16.16 -12.37 17.97
CA LYS D 77 -17.04 -12.34 19.12
C LYS D 77 -16.15 -12.33 20.40
N ARG D 78 -15.05 -11.59 20.38
CA ARG D 78 -14.21 -11.52 21.57
C ARG D 78 -14.35 -10.12 22.13
N LYS D 79 -14.64 -10.00 23.43
CA LYS D 79 -14.77 -8.67 24.03
C LYS D 79 -13.42 -8.03 24.29
N THR D 80 -12.39 -8.86 24.32
CA THR D 80 -11.03 -8.41 24.54
C THR D 80 -10.27 -8.22 23.22
N VAL D 81 -9.65 -7.06 23.06
CA VAL D 81 -8.88 -6.75 21.86
C VAL D 81 -7.47 -7.29 22.04
N THR D 82 -7.17 -8.37 21.32
CA THR D 82 -5.88 -9.03 21.36
C THR D 82 -4.82 -8.23 20.59
N ALA D 83 -3.55 -8.54 20.83
CA ALA D 83 -2.47 -7.85 20.14
C ALA D 83 -2.47 -8.16 18.64
N MET D 84 -3.00 -9.33 18.25
CA MET D 84 -3.09 -9.69 16.85
C MET D 84 -4.09 -8.81 16.12
N ASP D 85 -5.03 -8.23 16.89
CA ASP D 85 -6.03 -7.35 16.32
C ASP D 85 -5.39 -6.04 15.96
N VAL D 86 -4.51 -5.56 16.82
CA VAL D 86 -3.84 -4.31 16.58
C VAL D 86 -2.92 -4.46 15.37
N VAL D 87 -2.40 -5.67 15.20
CA VAL D 87 -1.52 -5.98 14.08
C VAL D 87 -2.28 -5.92 12.78
N TYR D 88 -3.40 -6.63 12.69
CA TYR D 88 -4.20 -6.62 11.47
C TYR D 88 -4.66 -5.20 11.19
N ALA D 89 -5.02 -4.48 12.24
CA ALA D 89 -5.47 -3.12 12.09
C ALA D 89 -4.35 -2.31 11.43
N LEU D 90 -3.15 -2.43 11.96
CA LEU D 90 -1.98 -1.73 11.42
C LEU D 90 -1.63 -2.14 9.99
N LYS D 91 -1.76 -3.42 9.66
CA LYS D 91 -1.46 -3.89 8.30
C LYS D 91 -2.45 -3.25 7.33
N ARG D 92 -3.68 -3.08 7.78
CA ARG D 92 -4.72 -2.43 6.99
C ARG D 92 -4.34 -0.96 6.80
N GLN D 93 -3.63 -0.40 7.78
CA GLN D 93 -3.19 1.00 7.72
C GLN D 93 -1.94 1.15 6.84
N GLY D 94 -1.39 0.02 6.41
CA GLY D 94 -0.18 0.04 5.61
C GLY D 94 1.05 0.12 6.51
N ARG D 95 0.89 -0.23 7.78
CA ARG D 95 1.97 -0.18 8.77
C ARG D 95 2.24 -1.51 9.47
N THR D 96 3.03 -2.37 8.84
CA THR D 96 3.37 -3.70 9.38
C THR D 96 4.24 -3.62 10.63
N LEU D 97 3.83 -4.29 11.70
CA LEU D 97 4.56 -4.28 12.97
C LEU D 97 5.11 -5.67 13.34
N TYR D 98 6.42 -5.76 13.57
CA TYR D 98 7.09 -7.00 13.97
C TYR D 98 7.28 -7.09 15.47
N GLY D 99 7.12 -8.29 16.03
CA GLY D 99 7.31 -8.46 17.46
C GLY D 99 6.12 -8.87 18.29
N PHE D 100 4.97 -9.05 17.67
CA PHE D 100 3.79 -9.45 18.43
C PHE D 100 3.10 -10.64 17.83
N GLY D 101 3.79 -11.32 16.92
CA GLY D 101 3.25 -12.50 16.25
C GLY D 101 3.56 -12.55 14.75
N GLY D 102 2.51 -12.49 13.93
CA GLY D 102 2.69 -12.54 12.49
C GLY D 102 1.44 -12.94 11.72
N LYS E 15 12.86 -40.45 4.53
CA LYS E 15 13.70 -39.35 5.08
C LYS E 15 13.00 -37.99 4.95
N SER E 16 13.41 -37.05 5.81
CA SER E 16 12.87 -35.70 5.88
C SER E 16 12.92 -34.88 4.58
N ARG E 17 11.82 -34.21 4.25
CA ARG E 17 11.75 -33.38 3.05
C ARG E 17 12.66 -32.17 3.18
N SER E 18 12.87 -31.75 4.43
CA SER E 18 13.72 -30.61 4.74
C SER E 18 15.18 -30.99 4.55
N SER E 19 15.51 -32.23 4.87
CA SER E 19 16.89 -32.71 4.70
C SER E 19 17.16 -33.11 3.26
N ARG E 20 16.17 -33.70 2.59
CA ARG E 20 16.31 -34.07 1.19
C ARG E 20 16.63 -32.85 0.34
N ALA E 21 16.09 -31.71 0.74
CA ALA E 21 16.29 -30.43 0.06
C ALA E 21 17.47 -29.65 0.65
N GLY E 22 18.11 -30.25 1.64
CA GLY E 22 19.25 -29.61 2.29
C GLY E 22 18.85 -28.27 2.88
N LEU E 23 17.83 -28.27 3.72
CA LEU E 23 17.33 -27.05 4.34
C LEU E 23 17.08 -27.19 5.84
N GLN E 24 16.95 -26.03 6.47
CA GLN E 24 16.66 -25.96 7.90
C GLN E 24 15.17 -25.70 8.07
N PHE E 25 14.65 -24.74 7.33
CA PHE E 25 13.23 -24.43 7.43
C PHE E 25 12.36 -25.62 7.05
N PRO E 26 11.26 -25.82 7.78
CA PRO E 26 10.30 -26.91 7.60
C PRO E 26 9.56 -26.88 6.29
N VAL E 27 9.98 -27.73 5.36
CA VAL E 27 9.33 -27.81 4.06
C VAL E 27 7.86 -28.20 4.28
N GLY E 28 7.67 -29.21 5.12
CA GLY E 28 6.35 -29.72 5.43
C GLY E 28 5.41 -28.64 5.92
N ARG E 29 5.85 -27.92 6.94
CA ARG E 29 5.04 -26.84 7.51
C ARG E 29 4.64 -25.85 6.42
N VAL E 30 5.63 -25.39 5.64
CA VAL E 30 5.37 -24.45 4.56
C VAL E 30 4.36 -25.04 3.61
N HIS E 31 4.42 -26.36 3.40
CA HIS E 31 3.50 -27.02 2.49
C HIS E 31 2.06 -26.94 3.04
N ARG E 32 1.92 -27.12 4.35
CA ARG E 32 0.61 -27.07 5.00
C ARG E 32 0.05 -25.69 4.86
N LEU E 33 0.85 -24.69 5.22
CA LEU E 33 0.44 -23.30 5.13
C LEU E 33 -0.01 -22.91 3.72
N LEU E 34 0.68 -23.40 2.70
CA LEU E 34 0.29 -23.07 1.34
C LEU E 34 -1.12 -23.57 1.03
N ARG E 35 -1.45 -24.79 1.40
CA ARG E 35 -2.83 -25.23 1.05
C ARG E 35 -3.88 -24.68 2.05
N LYS E 36 -3.60 -24.71 3.37
CA LYS E 36 -4.57 -24.27 4.39
C LYS E 36 -5.08 -22.88 4.05
N GLY E 37 -4.07 -22.01 3.76
CA GLY E 37 -4.15 -20.58 3.41
C GLY E 37 -5.18 -20.22 2.33
N ASN E 38 -5.54 -21.21 1.55
CA ASN E 38 -6.51 -21.12 0.47
C ASN E 38 -6.06 -20.19 -0.59
N TYR E 39 -4.74 -20.25 -0.75
CA TYR E 39 -4.02 -19.52 -1.77
C TYR E 39 -4.29 -20.18 -3.12
N ALA E 40 -4.02 -21.48 -3.13
CA ALA E 40 -4.23 -22.28 -4.34
C ALA E 40 -5.32 -23.33 -4.22
N GLU E 41 -5.60 -23.92 -5.34
CA GLU E 41 -6.55 -25.04 -5.49
C GLU E 41 -5.79 -26.28 -5.10
N ARG E 42 -4.60 -26.44 -5.71
CA ARG E 42 -3.64 -27.49 -5.38
C ARG E 42 -2.22 -26.90 -5.58
N VAL E 43 -1.38 -27.01 -4.57
CA VAL E 43 0.01 -26.52 -4.67
C VAL E 43 0.90 -27.70 -5.01
N GLY E 44 1.83 -27.44 -5.94
CA GLY E 44 2.77 -28.45 -6.41
C GLY E 44 3.76 -28.94 -5.36
N ALA E 45 4.63 -29.86 -5.77
CA ALA E 45 5.62 -30.44 -4.86
C ALA E 45 6.82 -29.55 -4.54
N GLY E 46 7.33 -28.86 -5.55
CA GLY E 46 8.48 -28.00 -5.37
C GLY E 46 8.17 -26.64 -4.77
N ALA E 47 6.90 -26.27 -4.79
CA ALA E 47 6.49 -25.00 -4.27
C ALA E 47 6.99 -24.75 -2.84
N PRO E 48 6.55 -25.56 -1.86
CA PRO E 48 7.02 -25.31 -0.51
C PRO E 48 8.53 -25.40 -0.32
N VAL E 49 9.17 -26.26 -1.11
CA VAL E 49 10.60 -26.42 -0.97
C VAL E 49 11.34 -25.17 -1.48
N TYR E 50 10.80 -24.55 -2.52
CA TYR E 50 11.38 -23.32 -3.06
C TYR E 50 11.15 -22.21 -2.02
N LEU E 51 9.89 -22.03 -1.59
CA LEU E 51 9.53 -21.00 -0.62
C LEU E 51 10.29 -21.16 0.69
N ALA E 52 10.35 -22.39 1.17
CA ALA E 52 11.05 -22.66 2.42
C ALA E 52 12.50 -22.23 2.25
N ALA E 53 13.03 -22.49 1.06
CA ALA E 53 14.41 -22.16 0.72
C ALA E 53 14.68 -20.66 0.77
N VAL E 54 13.76 -19.88 0.19
CA VAL E 54 13.88 -18.42 0.16
C VAL E 54 13.76 -17.84 1.56
N LEU E 55 12.86 -18.41 2.34
CA LEU E 55 12.65 -17.97 3.71
C LEU E 55 13.92 -18.15 4.53
N GLU E 56 14.51 -19.34 4.41
CA GLU E 56 15.74 -19.66 5.12
C GLU E 56 16.85 -18.73 4.68
N TYR E 57 16.93 -18.48 3.38
CA TYR E 57 17.95 -17.58 2.86
C TYR E 57 17.85 -16.19 3.51
N LEU E 58 16.71 -15.52 3.29
CA LEU E 58 16.49 -14.19 3.87
C LEU E 58 16.73 -14.18 5.37
N THR E 59 16.33 -15.25 6.06
CA THR E 59 16.54 -15.34 7.50
C THR E 59 18.01 -15.26 7.80
N ALA E 60 18.80 -16.07 7.08
CA ALA E 60 20.25 -16.12 7.25
C ALA E 60 20.86 -14.77 6.98
N GLU E 61 20.40 -14.13 5.89
CA GLU E 61 20.90 -12.81 5.50
C GLU E 61 20.77 -11.79 6.60
N ILE E 62 19.53 -11.46 6.99
CA ILE E 62 19.33 -10.46 8.02
C ILE E 62 19.93 -10.89 9.36
N LEU E 63 19.93 -12.20 9.62
CA LEU E 63 20.46 -12.74 10.85
C LEU E 63 21.98 -12.54 10.91
N GLU E 64 22.61 -12.59 9.74
CA GLU E 64 24.05 -12.41 9.61
C GLU E 64 24.40 -10.96 9.94
N LEU E 65 23.86 -10.03 9.15
CA LEU E 65 24.08 -8.60 9.35
C LEU E 65 23.74 -8.21 10.79
N ALA E 66 22.70 -8.81 11.34
CA ALA E 66 22.28 -8.53 12.71
C ALA E 66 23.35 -8.98 13.67
N GLY E 67 23.83 -10.21 13.46
CA GLY E 67 24.87 -10.76 14.32
C GLY E 67 26.12 -9.88 14.28
N ASN E 68 26.43 -9.31 13.12
CA ASN E 68 27.58 -8.44 12.99
C ASN E 68 27.42 -7.24 13.90
N ALA E 69 26.30 -6.53 13.74
CA ALA E 69 26.01 -5.35 14.54
C ALA E 69 26.06 -5.66 16.05
N ALA E 70 25.71 -6.89 16.42
CA ALA E 70 25.73 -7.27 17.82
C ALA E 70 27.16 -7.27 18.33
N ARG E 71 28.06 -7.79 17.51
CA ARG E 71 29.48 -7.86 17.86
C ARG E 71 30.05 -6.45 17.89
N ASP E 72 29.84 -5.71 16.80
CA ASP E 72 30.34 -4.34 16.66
C ASP E 72 30.12 -3.46 17.87
N ASN E 73 28.97 -3.59 18.54
CA ASN E 73 28.72 -2.82 19.76
C ASN E 73 29.65 -3.42 20.79
N LYS E 74 29.14 -4.50 21.44
CA LYS E 74 29.93 -5.20 22.43
C LYS E 74 29.30 -6.54 22.85
N LYS E 75 28.07 -6.81 22.43
CA LYS E 75 27.35 -7.99 22.89
C LYS E 75 27.46 -9.30 22.12
N THR E 76 26.89 -10.36 22.76
CA THR E 76 26.80 -11.74 22.23
C THR E 76 25.37 -12.08 21.86
N ARG E 77 24.39 -11.47 22.52
CA ARG E 77 22.98 -11.72 22.22
C ARG E 77 22.49 -10.65 21.26
N ILE E 78 21.74 -11.06 20.23
CA ILE E 78 21.18 -10.12 19.25
C ILE E 78 19.84 -9.62 19.75
N ILE E 79 19.75 -8.30 19.97
CA ILE E 79 18.49 -7.73 20.40
C ILE E 79 17.92 -6.95 19.23
N PRO E 80 16.61 -6.65 19.25
CA PRO E 80 15.93 -5.92 18.19
C PRO E 80 16.74 -4.77 17.55
N ARG E 81 17.41 -3.99 18.39
CA ARG E 81 18.24 -2.87 17.94
C ARG E 81 19.18 -3.33 16.82
N HIS E 82 19.70 -4.53 16.96
CA HIS E 82 20.61 -5.07 15.97
C HIS E 82 19.87 -5.36 14.70
N LEU E 83 18.72 -6.03 14.80
CA LEU E 83 17.93 -6.31 13.61
C LEU E 83 17.66 -4.99 12.91
N GLN E 84 17.21 -4.01 13.67
CA GLN E 84 16.94 -2.69 13.14
C GLN E 84 18.17 -2.13 12.42
N LEU E 85 19.22 -1.81 13.19
CA LEU E 85 20.46 -1.26 12.65
C LEU E 85 20.92 -2.03 11.42
N ALA E 86 20.70 -3.34 11.45
CA ALA E 86 21.09 -4.23 10.37
C ALA E 86 20.25 -3.97 9.14
N ILE E 87 18.93 -4.08 9.30
CA ILE E 87 17.99 -3.88 8.22
C ILE E 87 18.11 -2.50 7.57
N ARG E 88 18.20 -1.47 8.39
CA ARG E 88 18.27 -0.12 7.89
C ARG E 88 19.56 0.21 7.18
N ASN E 89 20.65 -0.41 7.60
CA ASN E 89 21.93 -0.12 6.97
C ASN E 89 22.16 -0.80 5.63
N ASP E 90 21.57 -1.98 5.42
CA ASP E 90 21.68 -2.64 4.13
C ASP E 90 20.64 -1.91 3.31
N GLU E 91 21.08 -1.31 2.21
CA GLU E 91 20.20 -0.56 1.33
C GLU E 91 19.12 -1.44 0.71
N GLU E 92 19.48 -2.67 0.38
CA GLU E 92 18.55 -3.60 -0.25
C GLU E 92 17.47 -4.16 0.68
N LEU E 93 17.87 -4.45 1.92
CA LEU E 93 16.99 -5.00 2.95
C LEU E 93 16.04 -3.91 3.44
N ASN E 94 16.54 -2.67 3.43
CA ASN E 94 15.76 -1.52 3.85
C ASN E 94 14.55 -1.29 2.94
N LYS E 95 14.65 -1.67 1.66
CA LYS E 95 13.53 -1.50 0.73
C LYS E 95 12.46 -2.52 1.04
N LEU E 96 12.90 -3.77 1.19
CA LEU E 96 12.01 -4.90 1.47
C LEU E 96 11.15 -4.64 2.71
N LEU E 97 11.81 -4.27 3.79
CA LEU E 97 11.14 -3.99 5.06
C LEU E 97 11.04 -2.49 5.23
N GLY E 98 10.60 -1.81 4.16
CA GLY E 98 10.47 -0.36 4.17
C GLY E 98 9.37 0.15 5.06
N LYS E 99 8.19 -0.45 4.94
CA LYS E 99 7.04 -0.06 5.74
C LYS E 99 6.85 -1.03 6.90
N VAL E 100 7.96 -1.46 7.50
CA VAL E 100 7.93 -2.38 8.62
C VAL E 100 8.48 -1.68 9.84
N THR E 101 7.85 -1.91 10.99
CA THR E 101 8.29 -1.30 12.24
C THR E 101 8.81 -2.36 13.18
N ILE E 102 10.09 -2.25 13.51
CA ILE E 102 10.73 -3.19 14.41
C ILE E 102 10.47 -2.75 15.83
N ALA E 103 9.68 -3.53 16.56
CA ALA E 103 9.36 -3.23 17.95
C ALA E 103 10.65 -3.19 18.75
N GLN E 104 10.89 -2.06 19.40
CA GLN E 104 12.09 -1.84 20.19
C GLN E 104 13.31 -1.77 19.31
N GLY E 105 13.10 -1.52 18.02
CA GLY E 105 14.21 -1.42 17.12
C GLY E 105 14.87 -0.05 17.20
N GLY E 106 14.09 0.97 17.57
CA GLY E 106 14.61 2.32 17.66
C GLY E 106 14.86 2.87 16.28
N VAL E 107 15.58 3.99 16.20
CA VAL E 107 15.83 4.60 14.91
C VAL E 107 17.33 4.67 14.58
N LEU E 108 17.65 4.72 13.30
CA LEU E 108 19.04 4.78 12.88
C LEU E 108 19.62 6.16 13.20
N PRO E 109 20.71 6.21 13.99
CA PRO E 109 21.38 7.46 14.39
C PRO E 109 21.64 8.28 13.17
N ASN E 110 21.15 9.51 13.17
CA ASN E 110 21.33 10.38 12.03
C ASN E 110 20.88 11.81 12.32
N ILE E 111 21.76 12.76 12.02
CA ILE E 111 21.46 14.16 12.24
C ILE E 111 21.70 14.88 10.91
N GLN E 112 20.67 15.55 10.41
CA GLN E 112 20.76 16.27 9.15
C GLN E 112 21.92 17.26 9.24
N ALA E 113 22.85 17.13 8.30
CA ALA E 113 24.06 17.95 8.23
C ALA E 113 23.88 19.39 8.71
N VAL E 114 22.99 20.11 8.03
CA VAL E 114 22.66 21.51 8.31
C VAL E 114 22.50 21.92 9.79
N LEU E 115 22.57 20.94 10.70
CA LEU E 115 22.44 21.24 12.14
C LEU E 115 23.77 21.18 12.93
N SER F 36 7.39 -20.21 16.91
CA SER F 36 6.76 -20.84 15.71
C SER F 36 7.85 -21.23 14.73
N TYR F 37 8.84 -20.37 14.56
CA TYR F 37 9.96 -20.63 13.66
C TYR F 37 11.24 -20.66 14.47
N SER F 38 11.13 -20.18 15.71
CA SER F 38 12.22 -20.10 16.67
C SER F 38 13.22 -21.25 16.57
N ILE F 39 12.72 -22.48 16.41
CA ILE F 39 13.59 -23.65 16.28
C ILE F 39 14.57 -23.39 15.12
N TYR F 40 13.99 -23.29 13.93
CA TYR F 40 14.68 -23.06 12.67
C TYR F 40 15.55 -21.82 12.66
N VAL F 41 14.97 -20.67 12.98
CA VAL F 41 15.75 -19.44 13.00
C VAL F 41 16.95 -19.57 13.93
N TYR F 42 16.82 -20.34 15.01
CA TYR F 42 17.94 -20.53 15.91
C TYR F 42 18.95 -21.42 15.20
N LYS F 43 18.44 -22.49 14.57
CA LYS F 43 19.27 -23.43 13.83
C LYS F 43 20.07 -22.69 12.75
N VAL F 44 19.42 -21.73 12.09
CA VAL F 44 20.07 -20.96 11.04
C VAL F 44 21.09 -20.02 11.65
N LEU F 45 20.77 -19.48 12.82
CA LEU F 45 21.66 -18.58 13.51
C LEU F 45 23.00 -19.22 13.83
N LYS F 46 22.97 -20.39 14.47
CA LYS F 46 24.20 -21.09 14.82
C LYS F 46 25.02 -21.34 13.55
N GLN F 47 24.31 -21.63 12.46
CA GLN F 47 24.93 -21.91 11.18
C GLN F 47 25.69 -20.69 10.66
N VAL F 48 25.20 -19.50 11.00
CA VAL F 48 25.83 -18.26 10.54
C VAL F 48 26.78 -17.62 11.55
N HIS F 49 26.37 -17.63 12.82
CA HIS F 49 27.16 -17.08 13.91
C HIS F 49 26.98 -18.12 15.02
N PRO F 50 27.89 -19.12 15.07
CA PRO F 50 27.87 -20.20 16.06
C PRO F 50 28.35 -19.81 17.44
N ASP F 51 28.09 -18.56 17.84
CA ASP F 51 28.55 -18.09 19.14
C ASP F 51 27.78 -16.87 19.59
N THR F 52 26.90 -16.41 18.71
CA THR F 52 26.08 -15.24 18.97
C THR F 52 24.64 -15.66 19.21
N GLY F 53 24.13 -15.35 20.41
CA GLY F 53 22.77 -15.69 20.77
C GLY F 53 21.76 -14.66 20.32
N ILE F 54 20.48 -14.90 20.60
CA ILE F 54 19.42 -13.98 20.19
C ILE F 54 18.36 -13.89 21.28
N SER F 55 17.88 -12.68 21.57
CA SER F 55 16.87 -12.49 22.61
C SER F 55 15.49 -13.01 22.19
N SER F 56 14.65 -13.27 23.20
CA SER F 56 13.31 -13.77 22.97
C SER F 56 12.51 -12.73 22.20
N LYS F 57 12.71 -11.47 22.58
CA LYS F 57 12.03 -10.34 21.95
C LYS F 57 12.51 -10.18 20.51
N ALA F 58 13.78 -10.45 20.28
CA ALA F 58 14.35 -10.34 18.95
C ALA F 58 13.86 -11.53 18.15
N MET F 59 13.64 -12.64 18.83
CA MET F 59 13.14 -13.84 18.18
C MET F 59 11.72 -13.57 17.73
N SER F 60 11.01 -12.76 18.53
CA SER F 60 9.64 -12.41 18.20
C SER F 60 9.64 -11.73 16.85
N ILE F 61 10.54 -10.77 16.69
CA ILE F 61 10.68 -10.04 15.44
C ILE F 61 10.97 -10.98 14.27
N MET F 62 11.96 -11.85 14.43
CA MET F 62 12.32 -12.80 13.39
C MET F 62 11.12 -13.60 12.94
N ASN F 63 10.31 -14.02 13.90
CA ASN F 63 9.12 -14.77 13.56
C ASN F 63 8.15 -13.92 12.76
N SER F 64 8.04 -12.65 13.11
CA SER F 64 7.16 -11.75 12.37
C SER F 64 7.64 -11.62 10.93
N PHE F 65 8.95 -11.53 10.77
CA PHE F 65 9.58 -11.41 9.48
C PHE F 65 9.28 -12.63 8.62
N VAL F 66 9.47 -13.81 9.20
CA VAL F 66 9.24 -15.02 8.45
C VAL F 66 7.82 -15.13 7.97
N ASN F 67 6.87 -14.86 8.86
CA ASN F 67 5.46 -14.96 8.47
C ASN F 67 5.11 -13.91 7.46
N ASP F 68 5.67 -12.72 7.63
CA ASP F 68 5.40 -11.64 6.73
C ASP F 68 5.72 -11.95 5.29
N ILE F 69 7.00 -12.12 4.99
CA ILE F 69 7.42 -12.37 3.62
C ILE F 69 6.87 -13.67 3.06
N PHE F 70 6.40 -14.54 3.94
CA PHE F 70 5.77 -15.79 3.51
C PHE F 70 4.43 -15.38 2.90
N GLU F 71 3.67 -14.60 3.69
CA GLU F 71 2.36 -14.09 3.32
C GLU F 71 2.46 -13.28 2.04
N ARG F 72 3.51 -12.48 1.93
CA ARG F 72 3.73 -11.67 0.75
C ARG F 72 3.97 -12.47 -0.49
N ILE F 73 4.91 -13.41 -0.39
CA ILE F 73 5.29 -14.25 -1.52
C ILE F 73 4.19 -15.17 -2.00
N ALA F 74 3.47 -15.76 -1.05
CA ALA F 74 2.37 -16.67 -1.37
C ALA F 74 1.22 -15.88 -1.95
N GLY F 75 1.10 -14.61 -1.55
CA GLY F 75 0.05 -13.75 -2.04
C GLY F 75 0.26 -13.49 -3.51
N GLU F 76 1.47 -13.08 -3.88
CA GLU F 76 1.78 -12.80 -5.26
C GLU F 76 1.73 -14.08 -6.08
N ALA F 77 2.29 -15.15 -5.54
CA ALA F 77 2.29 -16.43 -6.23
C ALA F 77 0.85 -16.76 -6.61
N SER F 78 -0.05 -16.62 -5.65
CA SER F 78 -1.47 -16.91 -5.83
C SER F 78 -2.08 -15.99 -6.87
N ARG F 79 -1.65 -14.74 -6.86
CA ARG F 79 -2.13 -13.73 -7.78
C ARG F 79 -1.70 -14.12 -9.20
N LEU F 80 -0.44 -14.52 -9.34
CA LEU F 80 0.13 -14.94 -10.63
C LEU F 80 -0.61 -16.12 -11.23
N ALA F 81 -1.03 -17.04 -10.38
CA ALA F 81 -1.71 -18.23 -10.83
C ALA F 81 -3.10 -17.92 -11.36
N HIS F 82 -3.83 -17.04 -10.68
CA HIS F 82 -5.17 -16.70 -11.15
C HIS F 82 -5.10 -15.95 -12.49
N TYR F 83 -4.14 -15.04 -12.61
CA TYR F 83 -3.94 -14.28 -13.84
C TYR F 83 -3.74 -15.18 -15.02
N ASN F 84 -2.95 -16.23 -14.81
CA ASN F 84 -2.62 -17.19 -15.85
C ASN F 84 -3.54 -18.39 -15.82
N LYS F 85 -4.73 -18.17 -15.28
CA LYS F 85 -5.76 -19.18 -15.16
C LYS F 85 -5.27 -20.62 -14.89
N ARG F 86 -4.41 -20.74 -13.89
CA ARG F 86 -3.85 -22.01 -13.46
C ARG F 86 -4.42 -22.27 -12.07
N SER F 87 -4.85 -23.51 -11.84
CA SER F 87 -5.44 -23.88 -10.57
C SER F 87 -4.43 -24.32 -9.54
N THR F 88 -3.16 -24.43 -9.95
CA THR F 88 -2.12 -24.87 -9.06
C THR F 88 -0.94 -23.89 -8.93
N ILE F 89 -0.41 -23.73 -7.72
CA ILE F 89 0.74 -22.86 -7.49
C ILE F 89 2.01 -23.65 -7.68
N THR F 90 2.66 -23.48 -8.82
CA THR F 90 3.91 -24.17 -9.13
C THR F 90 5.06 -23.42 -8.48
N SER F 91 6.24 -24.02 -8.51
CA SER F 91 7.43 -23.40 -7.95
C SER F 91 7.77 -22.27 -8.90
N ARG F 92 7.29 -22.38 -10.14
CA ARG F 92 7.55 -21.36 -11.12
C ARG F 92 6.85 -20.05 -10.75
N GLU F 93 5.85 -20.15 -9.88
CA GLU F 93 5.10 -19.00 -9.41
C GLU F 93 5.82 -18.41 -8.21
N ILE F 94 6.39 -19.26 -7.38
CA ILE F 94 7.12 -18.80 -6.20
C ILE F 94 8.33 -17.99 -6.66
N GLN F 95 8.90 -18.41 -7.76
CA GLN F 95 10.06 -17.77 -8.33
C GLN F 95 9.74 -16.41 -8.88
N THR F 96 8.72 -16.32 -9.74
CA THR F 96 8.30 -15.05 -10.32
C THR F 96 7.85 -14.12 -9.20
N ALA F 97 7.17 -14.69 -8.20
CA ALA F 97 6.74 -13.90 -7.07
C ALA F 97 7.95 -13.30 -6.38
N VAL F 98 8.99 -14.11 -6.23
CA VAL F 98 10.25 -13.68 -5.59
C VAL F 98 10.94 -12.58 -6.38
N ARG F 99 10.85 -12.66 -7.71
CA ARG F 99 11.48 -11.67 -8.54
C ARG F 99 10.75 -10.35 -8.36
N LEU F 100 9.44 -10.44 -8.30
CA LEU F 100 8.61 -9.26 -8.15
C LEU F 100 8.70 -8.57 -6.81
N LEU F 101 8.70 -9.33 -5.74
CA LEU F 101 8.73 -8.71 -4.43
C LEU F 101 10.08 -8.34 -3.90
N LEU F 102 11.11 -9.12 -4.23
CA LEU F 102 12.43 -8.82 -3.65
C LEU F 102 13.28 -7.87 -4.46
N PRO F 103 14.02 -7.02 -3.71
CA PRO F 103 14.98 -6.12 -4.34
C PRO F 103 15.99 -6.82 -5.24
N GLY F 104 16.59 -5.95 -6.05
CA GLY F 104 17.57 -6.19 -7.10
C GLY F 104 18.41 -7.46 -7.13
N GLU F 105 19.38 -7.50 -6.29
CA GLU F 105 20.35 -8.54 -6.24
C GLU F 105 20.06 -9.58 -5.14
N LEU F 106 19.24 -9.12 -4.21
CA LEU F 106 18.72 -9.85 -3.08
C LEU F 106 17.74 -10.90 -3.58
N ALA F 107 17.19 -10.62 -4.74
CA ALA F 107 16.24 -11.47 -5.43
C ALA F 107 16.97 -12.55 -6.21
N LYS F 108 18.10 -12.18 -6.82
CA LYS F 108 18.90 -13.11 -7.60
C LYS F 108 19.36 -14.31 -6.79
N HIS F 109 19.82 -14.07 -5.56
CA HIS F 109 20.26 -15.13 -4.68
C HIS F 109 19.08 -16.01 -4.29
N ALA F 110 18.00 -15.37 -3.85
CA ALA F 110 16.80 -16.09 -3.45
C ALA F 110 16.33 -17.06 -4.55
N VAL F 111 16.52 -16.68 -5.81
CA VAL F 111 16.13 -17.54 -6.92
C VAL F 111 17.12 -18.70 -7.01
N SER F 112 18.40 -18.36 -6.93
CA SER F 112 19.46 -19.36 -6.99
C SER F 112 19.24 -20.39 -5.90
N GLU F 113 19.16 -19.91 -4.66
CA GLU F 113 18.95 -20.75 -3.48
C GLU F 113 17.73 -21.67 -3.62
N GLY F 114 16.64 -21.10 -4.14
CA GLY F 114 15.42 -21.85 -4.33
C GLY F 114 15.58 -22.89 -5.42
N THR F 115 16.22 -22.53 -6.53
CA THR F 115 16.43 -23.49 -7.61
C THR F 115 17.37 -24.59 -7.13
N LYS F 116 18.44 -24.19 -6.44
CA LYS F 116 19.40 -25.15 -5.91
C LYS F 116 18.64 -26.10 -5.02
N ALA F 117 17.85 -25.54 -4.10
CA ALA F 117 17.06 -26.31 -3.15
C ALA F 117 16.04 -27.23 -3.81
N VAL F 118 15.23 -26.67 -4.71
CA VAL F 118 14.20 -27.45 -5.40
C VAL F 118 14.83 -28.63 -6.13
N THR F 119 15.89 -28.34 -6.89
CA THR F 119 16.58 -29.36 -7.69
C THR F 119 17.15 -30.50 -6.85
N LYS F 120 17.75 -30.17 -5.70
CA LYS F 120 18.29 -31.22 -4.84
C LYS F 120 17.15 -32.15 -4.46
N TYR F 121 16.10 -31.59 -3.87
CA TYR F 121 14.91 -32.32 -3.44
C TYR F 121 14.33 -33.24 -4.53
N THR F 122 14.17 -32.71 -5.73
CA THR F 122 13.59 -33.46 -6.85
C THR F 122 14.47 -34.65 -7.25
N SER F 123 15.77 -34.40 -7.38
CA SER F 123 16.72 -35.45 -7.74
C SER F 123 16.95 -36.34 -6.54
N SER F 124 17.11 -35.72 -5.37
CA SER F 124 17.31 -36.44 -4.09
C SER F 124 15.98 -37.05 -3.72
N LYS F 125 15.59 -38.09 -4.44
CA LYS F 125 14.33 -38.77 -4.16
C LYS F 125 14.44 -39.57 -2.86
N PRO G 43 5.26 36.00 -17.47
CA PRO G 43 4.41 36.93 -16.68
C PRO G 43 3.22 36.18 -16.11
N GLY G 44 2.89 36.52 -14.86
CA GLY G 44 1.79 35.90 -14.15
C GLY G 44 0.51 35.60 -14.91
N THR G 45 -0.01 36.58 -15.63
CA THR G 45 -1.25 36.40 -16.38
C THR G 45 -1.29 35.21 -17.34
N VAL G 46 -0.24 35.03 -18.14
CA VAL G 46 -0.20 33.91 -19.09
C VAL G 46 -0.08 32.58 -18.36
N ALA G 47 0.71 32.56 -17.29
CA ALA G 47 0.92 31.36 -16.49
C ALA G 47 -0.40 30.79 -16.02
N LEU G 48 -1.14 31.60 -15.25
CA LEU G 48 -2.43 31.19 -14.72
C LEU G 48 -3.37 30.81 -15.87
N ARG G 49 -3.33 31.59 -16.94
CA ARG G 49 -4.18 31.31 -18.09
C ARG G 49 -3.89 29.91 -18.62
N GLU G 50 -2.62 29.49 -18.53
CA GLU G 50 -2.19 28.16 -18.98
C GLU G 50 -2.64 27.09 -18.00
N ILE G 51 -2.56 27.41 -16.72
CA ILE G 51 -2.98 26.49 -15.68
C ILE G 51 -4.46 26.19 -15.92
N ARG G 52 -5.26 27.25 -16.01
CA ARG G 52 -6.69 27.15 -16.25
C ARG G 52 -7.03 26.29 -17.45
N ARG G 53 -6.34 26.50 -18.56
CA ARG G 53 -6.60 25.73 -19.76
C ARG G 53 -6.20 24.26 -19.66
N TYR G 54 -5.00 24.01 -19.13
CA TYR G 54 -4.52 22.65 -19.03
C TYR G 54 -5.07 21.87 -17.86
N GLN G 55 -5.76 22.57 -16.97
CA GLN G 55 -6.40 21.91 -15.84
C GLN G 55 -7.79 21.44 -16.32
N LYS G 56 -8.33 22.18 -17.29
CA LYS G 56 -9.63 21.88 -17.88
C LYS G 56 -9.48 20.74 -18.88
N SER G 57 -8.26 20.58 -19.39
CA SER G 57 -7.94 19.56 -20.38
C SER G 57 -7.88 18.15 -19.80
N THR G 58 -8.04 17.18 -20.68
CA THR G 58 -8.03 15.77 -20.33
C THR G 58 -7.13 14.97 -21.27
N GLU G 59 -6.57 15.64 -22.27
CA GLU G 59 -5.71 14.98 -23.25
C GLU G 59 -4.28 14.75 -22.80
N LEU G 60 -3.65 13.72 -23.37
CA LEU G 60 -2.26 13.37 -23.08
C LEU G 60 -1.38 14.50 -23.61
N LEU G 61 -0.48 14.97 -22.77
CA LEU G 61 0.35 16.10 -23.15
C LEU G 61 1.66 15.80 -23.85
N ILE G 62 2.04 14.54 -23.92
CA ILE G 62 3.29 14.18 -24.58
C ILE G 62 2.97 13.57 -25.94
N ARG G 63 3.75 13.92 -26.96
CA ARG G 63 3.51 13.36 -28.29
C ARG G 63 3.63 11.83 -28.21
N LYS G 64 2.61 11.12 -28.71
CA LYS G 64 2.57 9.65 -28.69
C LYS G 64 3.89 8.98 -29.06
N LEU G 65 4.34 9.21 -30.30
CA LEU G 65 5.57 8.63 -30.82
C LEU G 65 6.81 8.67 -29.95
N PRO G 66 7.25 9.86 -29.52
CA PRO G 66 8.45 9.95 -28.67
C PRO G 66 8.34 9.05 -27.43
N PHE G 67 7.15 8.99 -26.86
CA PHE G 67 6.88 8.18 -25.69
C PHE G 67 7.05 6.72 -26.02
N GLN G 68 6.40 6.27 -27.10
CA GLN G 68 6.48 4.88 -27.52
C GLN G 68 7.92 4.44 -27.71
N ARG G 69 8.74 5.33 -28.26
CA ARG G 69 10.14 5.01 -28.47
C ARG G 69 10.81 4.79 -27.12
N LEU G 70 10.55 5.68 -26.16
CA LEU G 70 11.11 5.59 -24.81
C LEU G 70 10.78 4.24 -24.18
N VAL G 71 9.55 3.77 -24.39
CA VAL G 71 9.11 2.48 -23.86
C VAL G 71 9.88 1.34 -24.52
N ARG G 72 9.98 1.38 -25.84
CA ARG G 72 10.72 0.35 -26.57
C ARG G 72 12.19 0.37 -26.12
N GLU G 73 12.80 1.55 -26.20
CA GLU G 73 14.20 1.77 -25.82
C GLU G 73 14.51 1.42 -24.37
N ILE G 74 13.50 1.10 -23.58
CA ILE G 74 13.69 0.72 -22.17
C ILE G 74 13.46 -0.79 -22.08
N ALA G 75 12.35 -1.24 -22.66
CA ALA G 75 11.99 -2.65 -22.68
C ALA G 75 13.16 -3.50 -23.13
N GLN G 76 13.87 -3.05 -24.16
CA GLN G 76 15.00 -3.78 -24.72
C GLN G 76 16.02 -4.28 -23.68
N ASP G 77 16.13 -3.60 -22.55
CA ASP G 77 17.06 -4.03 -21.51
C ASP G 77 16.59 -5.35 -20.93
N PHE G 78 15.40 -5.31 -20.33
CA PHE G 78 14.80 -6.47 -19.66
C PHE G 78 14.61 -7.68 -20.58
N LYS G 79 14.22 -7.47 -21.84
CA LYS G 79 14.06 -8.58 -22.79
C LYS G 79 14.11 -8.04 -24.21
N THR G 80 15.13 -8.48 -24.97
CA THR G 80 15.33 -8.03 -26.34
C THR G 80 14.23 -8.29 -27.38
N ASP G 81 13.51 -9.39 -27.22
CA ASP G 81 12.46 -9.76 -28.18
C ASP G 81 11.06 -9.30 -27.74
N LEU G 82 10.97 -8.15 -27.08
CA LEU G 82 9.68 -7.67 -26.60
C LEU G 82 8.91 -6.67 -27.44
N ARG G 83 7.60 -6.88 -27.47
CA ARG G 83 6.67 -6.05 -28.22
C ARG G 83 5.50 -5.64 -27.33
N PHE G 84 5.16 -4.35 -27.30
CA PHE G 84 4.04 -3.86 -26.50
C PHE G 84 2.85 -3.56 -27.38
N GLN G 85 1.67 -3.99 -26.97
CA GLN G 85 0.47 -3.67 -27.74
C GLN G 85 0.32 -2.17 -27.62
N SER G 86 -0.39 -1.55 -28.56
CA SER G 86 -0.58 -0.10 -28.51
C SER G 86 -1.34 0.33 -27.25
N SER G 87 -2.31 -0.47 -26.81
CA SER G 87 -3.08 -0.12 -25.63
C SER G 87 -2.23 -0.22 -24.37
N ALA G 88 -1.28 -1.18 -24.35
CA ALA G 88 -0.37 -1.36 -23.22
C ALA G 88 0.53 -0.16 -23.09
N VAL G 89 0.94 0.39 -24.23
CA VAL G 89 1.79 1.57 -24.23
C VAL G 89 0.93 2.70 -23.72
N MET G 90 -0.29 2.76 -24.24
CA MET G 90 -1.24 3.80 -23.89
C MET G 90 -1.52 3.82 -22.40
N ALA G 91 -1.62 2.64 -21.82
CA ALA G 91 -1.86 2.51 -20.39
C ALA G 91 -0.67 3.10 -19.64
N LEU G 92 0.53 2.87 -20.14
CA LEU G 92 1.73 3.39 -19.52
C LEU G 92 1.77 4.91 -19.52
N GLN G 93 1.31 5.53 -20.62
CA GLN G 93 1.32 6.98 -20.72
C GLN G 93 0.28 7.62 -19.82
N GLU G 94 -0.91 7.01 -19.77
CA GLU G 94 -1.99 7.51 -18.95
C GLU G 94 -1.50 7.54 -17.51
N ALA G 95 -0.80 6.46 -17.12
CA ALA G 95 -0.26 6.31 -15.78
C ALA G 95 0.96 7.17 -15.53
N SER G 96 1.79 7.34 -16.56
CA SER G 96 2.99 8.15 -16.45
C SER G 96 2.71 9.64 -16.26
N GLU G 97 1.84 10.18 -17.10
CA GLU G 97 1.49 11.59 -17.01
C GLU G 97 0.66 11.85 -15.76
N ALA G 98 -0.16 10.88 -15.38
CA ALA G 98 -0.96 11.01 -14.16
C ALA G 98 0.00 11.14 -13.00
N TYR G 99 0.97 10.24 -12.97
CA TYR G 99 2.00 10.22 -11.93
C TYR G 99 2.72 11.57 -11.84
N LEU G 100 3.05 12.10 -13.00
CA LEU G 100 3.80 13.36 -13.09
C LEU G 100 3.07 14.60 -12.61
N VAL G 101 1.79 14.74 -12.97
CA VAL G 101 1.06 15.93 -12.51
C VAL G 101 0.90 15.82 -11.01
N GLY G 102 0.64 14.60 -10.55
CA GLY G 102 0.47 14.38 -9.13
C GLY G 102 1.73 14.77 -8.40
N LEU G 103 2.86 14.44 -9.01
CA LEU G 103 4.15 14.76 -8.44
C LEU G 103 4.26 16.27 -8.46
N PHE G 104 3.95 16.88 -9.60
CA PHE G 104 4.03 18.33 -9.75
C PHE G 104 3.21 19.10 -8.72
N GLU G 105 2.04 18.60 -8.39
CA GLU G 105 1.19 19.24 -7.40
C GLU G 105 1.99 19.32 -6.10
N ASP G 106 2.47 18.17 -5.65
CA ASP G 106 3.25 18.06 -4.42
C ASP G 106 4.50 18.91 -4.45
N THR G 107 5.18 18.91 -5.60
CA THR G 107 6.37 19.72 -5.78
C THR G 107 5.99 21.17 -5.52
N ASN G 108 4.89 21.57 -6.14
CA ASN G 108 4.36 22.93 -6.02
C ASN G 108 4.15 23.31 -4.56
N LEU G 109 3.61 22.39 -3.78
CA LEU G 109 3.37 22.65 -2.36
C LEU G 109 4.67 22.89 -1.62
N CYS G 110 5.74 22.24 -2.06
CA CYS G 110 7.05 22.41 -1.44
C CYS G 110 7.62 23.77 -1.78
N ALA G 111 7.54 24.13 -3.05
CA ALA G 111 8.02 25.42 -3.54
C ALA G 111 7.36 26.53 -2.75
N ILE G 112 6.04 26.46 -2.63
CA ILE G 112 5.29 27.44 -1.90
C ILE G 112 5.69 27.44 -0.43
N HIS G 113 5.99 26.26 0.10
CA HIS G 113 6.39 26.13 1.51
C HIS G 113 7.53 27.08 1.88
N ALA G 114 8.40 27.39 0.96
CA ALA G 114 9.47 28.31 1.35
C ALA G 114 8.88 29.68 1.36
N LYS G 115 9.00 30.33 0.15
CA LYS G 115 8.38 31.63 -0.18
C LYS G 115 8.21 31.77 -1.71
N ARG G 116 8.53 30.72 -2.45
CA ARG G 116 8.58 30.74 -3.91
C ARG G 116 7.35 30.29 -4.69
N VAL G 117 7.41 30.62 -5.97
CA VAL G 117 6.35 30.33 -6.91
C VAL G 117 6.97 29.46 -8.00
N THR G 118 8.29 29.60 -8.13
CA THR G 118 9.07 28.86 -9.09
C THR G 118 9.45 27.51 -8.45
N ILE G 119 9.21 26.42 -9.16
CA ILE G 119 9.56 25.11 -8.62
C ILE G 119 10.99 24.68 -9.03
N MET G 120 11.78 24.29 -8.04
CA MET G 120 13.16 23.87 -8.26
C MET G 120 13.32 22.36 -8.03
N PRO G 121 14.45 21.78 -8.46
CA PRO G 121 14.68 20.35 -8.27
C PRO G 121 14.57 19.93 -6.81
N LYS G 122 15.07 20.78 -5.91
CA LYS G 122 15.01 20.49 -4.49
C LYS G 122 13.58 20.26 -3.98
N ASP G 123 12.59 20.75 -4.72
CA ASP G 123 11.19 20.57 -4.35
C ASP G 123 10.76 19.17 -4.79
N ILE G 124 11.09 18.84 -6.03
CA ILE G 124 10.75 17.52 -6.55
C ILE G 124 11.37 16.49 -5.62
N GLN G 125 12.59 16.77 -5.15
CA GLN G 125 13.31 15.85 -4.27
C GLN G 125 12.70 15.74 -2.89
N LEU G 126 12.30 16.86 -2.32
CA LEU G 126 11.70 16.83 -1.00
C LEU G 126 10.35 16.11 -1.05
N ALA G 127 9.63 16.28 -2.16
CA ALA G 127 8.34 15.64 -2.36
C ALA G 127 8.53 14.12 -2.46
N ARG G 128 9.39 13.71 -3.39
CA ARG G 128 9.68 12.29 -3.60
C ARG G 128 10.20 11.64 -2.33
N ARG G 129 10.91 12.41 -1.52
CA ARG G 129 11.46 11.91 -0.27
C ARG G 129 10.30 11.55 0.65
N ILE G 130 9.47 12.52 0.97
CA ILE G 130 8.32 12.29 1.84
C ILE G 130 7.32 11.29 1.24
N ARG G 131 7.35 11.15 -0.08
CA ARG G 131 6.47 10.20 -0.77
C ARG G 131 6.99 8.78 -0.63
N GLY G 132 8.20 8.65 -0.12
CA GLY G 132 8.81 7.34 0.06
C GLY G 132 9.47 6.80 -1.20
N GLU G 133 9.48 7.59 -2.26
CA GLU G 133 10.06 7.18 -3.53
C GLU G 133 11.59 7.18 -3.49
N ARG G 134 12.17 6.38 -4.38
CA ARG G 134 13.63 6.25 -4.52
C ARG G 134 13.95 5.81 -5.94
N ALA G 135 15.16 6.19 -6.40
CA ALA G 135 15.62 5.85 -7.75
C ALA G 135 16.10 4.38 -7.87
N ASN H 25 17.42 9.31 -25.91
CA ASN H 25 16.02 9.15 -26.44
C ASN H 25 14.92 9.83 -25.59
N ILE H 26 15.11 9.85 -24.28
CA ILE H 26 14.17 10.48 -23.36
C ILE H 26 14.14 11.98 -23.65
N GLN H 27 15.12 12.44 -24.44
CA GLN H 27 15.19 13.83 -24.80
C GLN H 27 14.03 14.20 -25.72
N GLY H 28 13.28 13.16 -26.14
CA GLY H 28 12.09 13.28 -27.00
C GLY H 28 10.86 13.79 -26.24
N ILE H 29 10.97 13.71 -24.93
CA ILE H 29 9.98 14.28 -24.02
C ILE H 29 10.16 15.80 -24.22
N THR H 30 9.15 16.70 -24.08
CA THR H 30 9.59 18.09 -24.37
C THR H 30 9.17 19.17 -23.41
N LYS H 31 10.10 20.16 -23.36
CA LYS H 31 9.95 21.34 -22.52
C LYS H 31 8.50 21.81 -22.46
N PRO H 32 7.86 21.84 -23.62
CA PRO H 32 6.43 22.18 -23.65
C PRO H 32 5.59 21.27 -22.83
N ALA H 33 5.74 20.03 -23.25
CA ALA H 33 5.03 18.91 -22.67
C ALA H 33 5.17 18.89 -21.15
N ILE H 34 6.39 19.07 -20.68
CA ILE H 34 6.65 19.08 -19.25
C ILE H 34 6.02 20.33 -18.63
N ARG H 35 6.07 21.45 -19.34
CA ARG H 35 5.48 22.69 -18.84
C ARG H 35 3.96 22.48 -18.71
N ARG H 36 3.35 21.88 -19.72
CA ARG H 36 1.93 21.57 -19.70
C ARG H 36 1.63 20.68 -18.51
N LEU H 37 2.40 19.60 -18.39
CA LEU H 37 2.24 18.66 -17.28
C LEU H 37 2.34 19.41 -15.95
N ALA H 38 3.25 20.37 -15.87
CA ALA H 38 3.42 21.17 -14.67
C ALA H 38 2.18 22.07 -14.50
N ARG H 39 1.73 22.65 -15.60
CA ARG H 39 0.57 23.54 -15.59
C ARG H 39 -0.64 22.83 -15.03
N ARG H 40 -0.86 21.60 -15.50
CA ARG H 40 -1.98 20.80 -15.04
C ARG H 40 -1.80 20.54 -13.55
N GLY H 41 -0.53 20.56 -13.12
CA GLY H 41 -0.20 20.35 -11.72
C GLY H 41 -0.42 21.61 -10.92
N GLY H 42 -0.71 22.70 -11.61
CA GLY H 42 -0.94 23.96 -10.91
C GLY H 42 0.33 24.73 -10.62
N VAL H 43 1.37 24.43 -11.38
CA VAL H 43 2.65 25.09 -11.24
C VAL H 43 2.66 26.37 -12.08
N LYS H 44 3.02 27.50 -11.48
CA LYS H 44 3.07 28.78 -12.19
C LYS H 44 4.43 29.01 -12.86
N ARG H 45 5.50 29.09 -12.06
CA ARG H 45 6.85 29.30 -12.60
C ARG H 45 7.69 28.01 -12.51
N ILE H 46 8.46 27.78 -13.56
CA ILE H 46 9.28 26.57 -13.67
C ILE H 46 10.76 26.83 -13.93
N SER H 47 11.60 26.58 -12.93
CA SER H 47 13.05 26.71 -13.08
C SER H 47 13.53 25.85 -14.25
N GLY H 48 14.47 26.38 -15.03
CA GLY H 48 14.99 25.68 -16.19
C GLY H 48 15.57 24.31 -15.95
N LEU H 49 15.92 24.04 -14.69
CA LEU H 49 16.50 22.75 -14.34
C LEU H 49 15.54 21.59 -14.18
N ILE H 50 14.30 21.88 -13.79
CA ILE H 50 13.35 20.81 -13.56
C ILE H 50 12.96 20.03 -14.81
N TYR H 51 13.37 20.51 -15.98
CA TYR H 51 13.03 19.78 -17.20
C TYR H 51 13.85 18.50 -17.31
N GLU H 52 15.12 18.59 -16.93
CA GLU H 52 16.02 17.44 -16.98
C GLU H 52 15.80 16.56 -15.77
N GLU H 53 15.46 17.21 -14.66
CA GLU H 53 15.18 16.54 -13.40
C GLU H 53 13.94 15.65 -13.55
N THR H 54 12.92 16.19 -14.20
CA THR H 54 11.67 15.48 -14.46
C THR H 54 11.90 14.30 -15.38
N ARG H 55 12.80 14.46 -16.35
CA ARG H 55 13.13 13.36 -17.26
C ARG H 55 13.73 12.22 -16.43
N GLY H 56 14.49 12.59 -15.40
CA GLY H 56 15.10 11.62 -14.53
C GLY H 56 14.04 10.73 -13.89
N VAL H 57 13.07 11.38 -13.24
CA VAL H 57 12.00 10.65 -12.57
C VAL H 57 11.12 9.88 -13.54
N LEU H 58 10.71 10.49 -14.66
CA LEU H 58 9.88 9.78 -15.62
C LEU H 58 10.52 8.49 -16.08
N LYS H 59 11.84 8.49 -16.24
CA LYS H 59 12.58 7.31 -16.69
C LYS H 59 12.58 6.22 -15.62
N VAL H 60 12.90 6.62 -14.39
CA VAL H 60 12.92 5.71 -13.25
C VAL H 60 11.53 5.12 -13.01
N PHE H 61 10.50 5.94 -13.17
CA PHE H 61 9.14 5.50 -12.99
C PHE H 61 8.83 4.43 -14.04
N LEU H 62 9.15 4.72 -15.31
CA LEU H 62 8.90 3.77 -16.40
C LEU H 62 9.71 2.48 -16.32
N GLU H 63 10.97 2.57 -15.88
CA GLU H 63 11.83 1.40 -15.74
C GLU H 63 11.16 0.46 -14.74
N ASN H 64 10.91 0.97 -13.53
CA ASN H 64 10.29 0.20 -12.47
C ASN H 64 9.00 -0.47 -12.92
N VAL H 65 8.17 0.27 -13.62
CA VAL H 65 6.89 -0.26 -14.08
C VAL H 65 7.03 -1.26 -15.23
N ILE H 66 7.89 -0.95 -16.19
CA ILE H 66 8.08 -1.84 -17.32
C ILE H 66 8.81 -3.12 -16.94
N ARG H 67 9.67 -3.02 -15.93
CA ARG H 67 10.41 -4.19 -15.47
C ARG H 67 9.39 -5.23 -14.99
N ASP H 68 8.58 -4.86 -14.00
CA ASP H 68 7.57 -5.74 -13.45
C ASP H 68 6.55 -6.10 -14.51
N ALA H 69 6.34 -5.20 -15.47
CA ALA H 69 5.37 -5.44 -16.53
C ALA H 69 5.83 -6.59 -17.41
N VAL H 70 7.11 -6.63 -17.75
CA VAL H 70 7.64 -7.71 -18.60
C VAL H 70 7.82 -9.00 -17.79
N THR H 71 7.95 -8.87 -16.48
CA THR H 71 8.09 -10.04 -15.63
C THR H 71 6.78 -10.79 -15.66
N TYR H 72 5.69 -10.05 -15.74
CA TYR H 72 4.36 -10.66 -15.82
C TYR H 72 4.18 -11.29 -17.17
N THR H 73 4.78 -10.67 -18.18
CA THR H 73 4.70 -11.18 -19.54
C THR H 73 5.52 -12.46 -19.65
N GLU H 74 6.76 -12.41 -19.18
CA GLU H 74 7.65 -13.55 -19.18
C GLU H 74 6.99 -14.68 -18.37
N HIS H 75 5.89 -14.39 -17.65
CA HIS H 75 5.30 -15.50 -16.97
C HIS H 75 4.32 -16.27 -17.92
N ALA H 76 3.42 -15.66 -18.66
CA ALA H 76 2.53 -16.53 -19.46
C ALA H 76 3.16 -17.04 -20.75
N LYS H 77 4.47 -16.80 -20.86
CA LYS H 77 5.20 -17.18 -22.05
C LYS H 77 4.66 -16.35 -23.24
N ARG H 78 4.37 -15.07 -23.02
CA ARG H 78 3.88 -14.25 -24.12
C ARG H 78 4.98 -13.25 -24.45
N LYS H 79 5.36 -13.15 -25.72
CA LYS H 79 6.41 -12.20 -26.10
C LYS H 79 5.89 -10.77 -26.15
N THR H 80 4.57 -10.65 -26.25
CA THR H 80 3.91 -9.36 -26.30
C THR H 80 3.40 -8.93 -24.92
N VAL H 81 3.73 -7.71 -24.52
CA VAL H 81 3.30 -7.17 -23.24
C VAL H 81 1.92 -6.56 -23.41
N THR H 82 0.91 -7.23 -22.86
CA THR H 82 -0.47 -6.81 -22.93
C THR H 82 -0.75 -5.65 -21.96
N ALA H 83 -1.86 -4.96 -22.17
CA ALA H 83 -2.22 -3.85 -21.29
C ALA H 83 -2.53 -4.32 -19.87
N MET H 84 -2.98 -5.57 -19.73
CA MET H 84 -3.26 -6.13 -18.41
C MET H 84 -1.97 -6.32 -17.62
N ASP H 85 -0.84 -6.42 -18.33
CA ASP H 85 0.45 -6.57 -17.70
C ASP H 85 0.85 -5.27 -17.08
N VAL H 86 0.60 -4.18 -17.79
CA VAL H 86 0.95 -2.88 -17.29
C VAL H 86 0.11 -2.56 -16.07
N VAL H 87 -1.11 -3.09 -16.06
CA VAL H 87 -2.03 -2.90 -14.96
C VAL H 87 -1.53 -3.60 -13.72
N TYR H 88 -1.21 -4.87 -13.83
CA TYR H 88 -0.71 -5.62 -12.68
C TYR H 88 0.58 -4.99 -12.20
N ALA H 89 1.40 -4.54 -13.13
CA ALA H 89 2.65 -3.91 -12.79
C ALA H 89 2.35 -2.68 -11.92
N LEU H 90 1.43 -1.86 -12.38
CA LEU H 90 1.02 -0.65 -11.66
C LEU H 90 0.40 -0.95 -10.29
N LYS H 91 -0.41 -2.00 -10.20
CA LYS H 91 -1.04 -2.36 -8.92
C LYS H 91 0.05 -2.74 -7.92
N ARG H 92 1.09 -3.39 -8.42
CA ARG H 92 2.23 -3.76 -7.60
C ARG H 92 2.95 -2.50 -7.14
N GLN H 93 2.88 -1.45 -7.96
CA GLN H 93 3.52 -0.18 -7.64
C GLN H 93 2.66 0.64 -6.67
N GLY H 94 1.45 0.15 -6.39
CA GLY H 94 0.54 0.86 -5.52
C GLY H 94 -0.24 1.91 -6.31
N ARG H 95 -0.27 1.76 -7.63
CA ARG H 95 -0.96 2.71 -8.52
C ARG H 95 -2.02 2.07 -9.42
N THR H 96 -3.23 1.89 -8.89
CA THR H 96 -4.34 1.27 -9.62
C THR H 96 -4.85 2.14 -10.77
N LEU H 97 -4.92 1.57 -11.97
CA LEU H 97 -5.37 2.28 -13.17
C LEU H 97 -6.69 1.73 -13.73
N TYR H 98 -7.68 2.61 -13.88
CA TYR H 98 -8.99 2.25 -14.44
C TYR H 98 -9.09 2.58 -15.92
N GLY H 99 -9.76 1.71 -16.69
CA GLY H 99 -9.91 1.97 -18.10
C GLY H 99 -9.28 1.00 -19.07
N PHE H 100 -8.61 -0.02 -18.57
CA PHE H 100 -7.97 -0.98 -19.46
C PHE H 100 -8.33 -2.41 -19.12
N GLY H 101 -9.36 -2.56 -18.29
CA GLY H 101 -9.81 -3.88 -17.87
C GLY H 101 -10.18 -3.96 -16.39
N GLY H 102 -9.43 -4.78 -15.64
CA GLY H 102 -9.70 -4.93 -14.22
C GLY H 102 -9.11 -6.20 -13.61
#